data_1K82
#
_entry.id   1K82
#
_cell.length_a   80.704
_cell.length_b   96.033
_cell.length_c   96.228
_cell.angle_alpha   90.00
_cell.angle_beta   96.799
_cell.angle_gamma   90.00
#
_symmetry.space_group_name_H-M   'P 1 21 1'
#
loop_
_entity.id
_entity.type
_entity.pdbx_description
1 polymer "5'-D(*GP*GP*CP*TP*TP*CP*CP*TP*CP*CP*TP*GP*G)-3'"
2 polymer "5'-D(*CP*CP*AP*GP*GP*AP*(PED)P*GP*AP*AP*GP*CP*C)-3'"
3 polymer 'formamidopyrimidine-DNA glycosylase'
4 non-polymer 'ZINC ION'
5 water water
#
loop_
_entity_poly.entity_id
_entity_poly.type
_entity_poly.pdbx_seq_one_letter_code
_entity_poly.pdbx_strand_id
1 'polydeoxyribonucleotide' (DG)(DG)(DC)(DT)(DT)(DC)(DC)(DT)(DC)(DC)(DT)(DG)(DG) E,F,G,H
2 'polydeoxyribonucleotide' (DC)(DC)(DA)(DG)(DG)(DA)(PED)(DG)(DA)(DA)(DG)(DC)(DC) I,J,K,L
3 'polypeptide(L)'
;PELPEVETSRRGIEPHLVGATILHAVVRNGRLRWPVSEEIYRLSDQPVLSVQRRAKYLLLELPEGWIIIHLGMSGSLRIL
PEELPPEKHDHVDLVMSNGKVLRYTDPRRFGAWLWTKELEGHNVLTHLGPEPLSDDFNGEYLHQKCAKKKTAIKPWLMDN
KLVVGVGNIYASESLFAAGIHPDRLASSLSLAECELLARVIKAVLLRSIEQGGTTLKDFLQSDGKPGYFAQELQVYGRKG
EPCRVCGTPIVATKHAQRATFYCRQCQK
;
A,B,C,D
#
# COMPACT_ATOMS: atom_id res chain seq x y z
N PRO I 1 -8.95 -29.36 -14.92
CA PRO I 1 -8.22 -29.34 -13.66
C PRO I 1 -8.88 -28.38 -12.65
N GLU I 2 -9.33 -28.92 -11.54
CA GLU I 2 -10.00 -28.16 -10.48
C GLU I 2 -9.12 -28.03 -9.25
N LEU I 3 -9.62 -27.58 -8.11
CA LEU I 3 -8.76 -27.32 -6.95
C LEU I 3 -7.95 -28.56 -6.55
N PRO I 4 -8.56 -29.72 -6.36
CA PRO I 4 -7.77 -30.92 -6.06
C PRO I 4 -6.65 -31.17 -7.06
N GLU I 5 -6.87 -31.00 -8.36
CA GLU I 5 -5.78 -31.29 -9.30
C GLU I 5 -4.69 -30.24 -9.17
N VAL I 6 -5.13 -28.99 -9.04
CA VAL I 6 -4.15 -27.90 -8.93
C VAL I 6 -3.39 -28.03 -7.63
N GLU I 7 -4.08 -28.43 -6.57
CA GLU I 7 -3.41 -28.63 -5.28
C GLU I 7 -2.42 -29.78 -5.36
N THR I 8 -2.79 -30.79 -6.14
CA THR I 8 -1.91 -31.93 -6.33
C THR I 8 -0.64 -31.51 -7.07
N SER I 9 -0.76 -30.65 -8.09
CA SER I 9 0.41 -30.17 -8.80
C SER I 9 1.34 -29.34 -7.93
N ARG I 10 0.77 -28.55 -7.01
CA ARG I 10 1.55 -27.69 -6.13
C ARG I 10 2.40 -28.51 -5.16
N ARG I 11 1.80 -29.54 -4.57
CA ARG I 11 2.50 -30.42 -3.65
C ARG I 11 3.54 -31.27 -4.39
N GLY I 12 3.25 -31.62 -5.64
CA GLY I 12 4.18 -32.42 -6.41
C GLY I 12 5.40 -31.62 -6.83
N ILE I 13 5.21 -30.33 -7.08
CA ILE I 13 6.32 -29.53 -7.59
C ILE I 13 7.09 -28.84 -6.47
N GLU I 14 6.44 -28.56 -5.35
CA GLU I 14 7.04 -27.78 -4.26
C GLU I 14 8.39 -28.31 -3.84
N PRO I 15 8.52 -29.59 -3.48
CA PRO I 15 9.83 -30.05 -3.02
C PRO I 15 10.90 -29.96 -4.10
N HIS I 16 10.51 -29.78 -5.36
CA HIS I 16 11.48 -29.72 -6.44
C HIS I 16 11.93 -28.31 -6.78
N LEU I 17 11.11 -27.30 -6.48
CA LEU I 17 11.47 -25.95 -6.93
C LEU I 17 11.94 -25.10 -5.75
N VAL I 18 11.33 -25.34 -4.59
CA VAL I 18 11.70 -24.55 -3.41
C VAL I 18 13.17 -24.74 -3.09
N GLY I 19 13.91 -23.64 -2.99
CA GLY I 19 15.33 -23.72 -2.69
C GLY I 19 16.16 -23.84 -3.96
N ALA I 20 15.50 -24.05 -5.09
CA ALA I 20 16.23 -24.10 -6.35
C ALA I 20 16.11 -22.76 -7.07
N THR I 21 16.87 -22.61 -8.14
CA THR I 21 16.92 -21.35 -8.86
C THR I 21 16.45 -21.48 -10.30
N ILE I 22 15.68 -20.50 -10.75
CA ILE I 22 15.29 -20.47 -12.16
C ILE I 22 16.41 -19.86 -12.99
N LEU I 23 17.05 -20.65 -13.85
CA LEU I 23 18.07 -20.06 -14.70
C LEU I 23 17.42 -19.06 -15.66
N HIS I 24 16.40 -19.55 -16.34
CA HIS I 24 15.58 -18.80 -17.27
C HIS I 24 14.41 -19.66 -17.74
N ALA I 25 13.46 -19.04 -18.44
CA ALA I 25 12.33 -19.75 -19.02
C ALA I 25 12.56 -20.05 -20.50
N VAL I 26 11.93 -21.10 -20.99
CA VAL I 26 11.91 -21.35 -22.43
C VAL I 26 10.48 -21.37 -22.94
N VAL I 27 10.14 -20.43 -23.81
CA VAL I 27 8.78 -20.32 -24.33
C VAL I 27 8.70 -20.69 -25.80
N ARG I 28 7.83 -21.64 -26.17
CA ARG I 28 7.75 -22.02 -27.58
C ARG I 28 6.42 -21.61 -28.20
N ASN I 29 5.45 -21.22 -27.40
CA ASN I 29 4.22 -20.57 -27.84
C ASN I 29 3.71 -19.71 -26.68
N GLY I 30 3.79 -18.40 -26.84
CA GLY I 30 3.44 -17.48 -25.75
C GLY I 30 2.00 -17.01 -25.85
N ARG I 31 1.25 -17.58 -26.79
CA ARG I 31 -0.13 -17.11 -26.96
C ARG I 31 -1.06 -18.07 -26.22
N LEU I 32 -1.20 -17.78 -24.92
CA LEU I 32 -2.07 -18.59 -24.06
C LEU I 32 -3.41 -17.89 -23.92
N ARG I 33 -4.14 -18.07 -22.81
CA ARG I 33 -5.37 -17.30 -22.64
C ARG I 33 -5.06 -15.81 -22.75
N TRP I 34 -4.00 -15.40 -22.08
CA TRP I 34 -3.36 -14.11 -22.29
C TRP I 34 -1.96 -14.32 -22.84
N PRO I 35 -1.35 -13.30 -23.40
CA PRO I 35 0.07 -13.41 -23.79
C PRO I 35 0.93 -13.64 -22.55
N VAL I 36 1.91 -14.53 -22.67
CA VAL I 36 2.87 -14.71 -21.59
C VAL I 36 3.47 -13.38 -21.19
N SER I 37 3.52 -13.10 -19.89
CA SER I 37 4.03 -11.81 -19.42
C SER I 37 5.48 -11.58 -19.83
N GLU I 38 5.84 -10.34 -20.13
CA GLU I 38 7.20 -9.95 -20.46
C GLU I 38 8.19 -10.50 -19.43
N GLU I 39 7.88 -10.28 -18.16
CA GLU I 39 8.82 -10.60 -17.09
C GLU I 39 9.20 -12.08 -17.08
N ILE I 40 8.33 -12.94 -17.61
CA ILE I 40 8.70 -14.35 -17.65
C ILE I 40 9.85 -14.55 -18.64
N TYR I 41 9.74 -13.83 -19.76
CA TYR I 41 10.79 -13.91 -20.78
C TYR I 41 12.13 -13.46 -20.22
N ARG I 42 12.10 -12.40 -19.41
CA ARG I 42 13.29 -11.81 -18.84
C ARG I 42 13.83 -12.55 -17.63
N LEU I 43 13.12 -13.56 -17.12
CA LEU I 43 13.56 -14.31 -15.95
C LEU I 43 15.01 -14.76 -16.07
N SER I 44 15.79 -14.54 -15.02
CA SER I 44 17.21 -14.92 -15.02
C SER I 44 17.73 -15.19 -13.61
N ASP I 45 18.02 -16.44 -13.30
CA ASP I 45 18.65 -16.81 -12.04
C ASP I 45 17.82 -16.40 -10.83
N GLN I 46 16.52 -16.69 -10.80
CA GLN I 46 15.67 -16.30 -9.68
C GLN I 46 15.36 -17.47 -8.76
N PRO I 47 15.65 -17.35 -7.48
CA PRO I 47 15.29 -18.43 -6.55
C PRO I 47 13.79 -18.47 -6.27
N VAL I 48 13.24 -19.66 -6.16
CA VAL I 48 11.85 -19.85 -5.77
C VAL I 48 11.75 -20.02 -4.26
N LEU I 49 11.01 -19.15 -3.59
CA LEU I 49 10.97 -19.16 -2.14
C LEU I 49 9.81 -19.99 -1.61
N SER I 50 8.80 -20.16 -2.47
CA SER I 50 7.55 -20.79 -2.08
C SER I 50 6.75 -21.19 -3.31
N VAL I 51 5.90 -22.18 -3.16
CA VAL I 51 4.94 -22.60 -4.17
C VAL I 51 3.57 -22.70 -3.51
N GLN I 52 2.70 -21.73 -3.80
CA GLN I 52 1.40 -21.67 -3.13
C GLN I 52 0.27 -21.81 -4.15
N ARG I 53 -0.96 -21.80 -3.68
CA ARG I 53 -2.13 -21.86 -4.52
C ARG I 53 -3.20 -20.87 -4.06
N ARG I 54 -3.85 -20.23 -5.01
CA ARG I 54 -5.06 -19.44 -4.76
C ARG I 54 -6.08 -19.87 -5.82
N ALA I 55 -7.22 -20.40 -5.37
CA ALA I 55 -8.18 -20.95 -6.33
C ALA I 55 -7.50 -21.97 -7.23
N LYS I 56 -7.63 -21.83 -8.54
CA LYS I 56 -7.02 -22.80 -9.47
C LYS I 56 -5.72 -22.25 -10.04
N TYR I 57 -5.17 -21.25 -9.37
CA TYR I 57 -3.92 -20.63 -9.75
C TYR I 57 -2.74 -21.08 -8.89
N LEU I 58 -1.65 -21.48 -9.54
CA LEU I 58 -0.41 -21.75 -8.80
C LEU I 58 0.43 -20.47 -8.71
N LEU I 59 1.08 -20.30 -7.57
CA LEU I 59 1.85 -19.10 -7.28
C LEU I 59 3.29 -19.43 -6.93
N LEU I 60 4.22 -18.98 -7.77
CA LEU I 60 5.63 -19.17 -7.43
C LEU I 60 6.15 -17.85 -6.86
N GLU I 61 6.57 -17.87 -5.60
CA GLU I 61 7.12 -16.68 -4.95
C GLU I 61 8.59 -16.51 -5.34
N LEU I 62 8.88 -15.43 -6.05
CA LEU I 62 10.25 -15.00 -6.33
C LEU I 62 10.57 -13.80 -5.47
N PRO I 63 11.84 -13.42 -5.34
CA PRO I 63 12.18 -12.26 -4.50
C PRO I 63 11.52 -10.96 -4.93
N GLU I 64 11.40 -10.67 -6.22
CA GLU I 64 10.86 -9.38 -6.64
C GLU I 64 9.42 -9.49 -7.17
N GLY I 65 8.85 -10.70 -7.12
CA GLY I 65 7.50 -10.87 -7.64
C GLY I 65 7.02 -12.30 -7.60
N TRP I 66 5.93 -12.56 -8.30
CA TRP I 66 5.24 -13.83 -8.31
C TRP I 66 4.94 -14.29 -9.73
N ILE I 67 5.17 -15.58 -9.97
CA ILE I 67 4.73 -16.16 -11.24
C ILE I 67 3.36 -16.81 -11.02
N ILE I 68 2.39 -16.36 -11.80
CA ILE I 68 1.04 -16.91 -11.67
C ILE I 68 0.76 -17.88 -12.81
N ILE I 69 0.50 -19.14 -12.45
CA ILE I 69 0.27 -20.13 -13.50
C ILE I 69 -1.15 -20.70 -13.39
N HIS I 70 -1.83 -20.74 -14.53
CA HIS I 70 -3.17 -21.31 -14.62
C HIS I 70 -3.17 -22.43 -15.65
N LEU I 71 -3.86 -23.53 -15.37
CA LEU I 71 -3.86 -24.68 -16.28
C LEU I 71 -4.99 -24.67 -17.29
N GLY I 72 -6.00 -23.81 -17.10
CA GLY I 72 -7.15 -23.78 -18.00
C GLY I 72 -7.81 -25.13 -18.11
N MET I 73 -8.18 -25.55 -19.33
CA MET I 73 -8.89 -26.82 -19.46
C MET I 73 -7.96 -28.00 -19.72
N SER I 74 -6.79 -27.78 -20.31
CA SER I 74 -5.97 -28.94 -20.69
C SER I 74 -4.51 -28.75 -20.30
N GLY I 75 -4.23 -27.88 -19.34
CA GLY I 75 -2.83 -27.68 -18.96
C GLY I 75 -2.39 -28.65 -17.88
N SER I 76 -1.09 -28.88 -17.80
CA SER I 76 -0.51 -29.74 -16.76
C SER I 76 0.93 -29.31 -16.50
N LEU I 77 1.48 -29.71 -15.37
CA LEU I 77 2.86 -29.38 -15.00
C LEU I 77 3.66 -30.64 -14.73
N ARG I 78 4.90 -30.68 -15.19
CA ARG I 78 5.78 -31.80 -14.93
C ARG I 78 7.18 -31.30 -14.56
N ILE I 79 7.82 -31.95 -13.59
CA ILE I 79 9.25 -31.66 -13.38
C ILE I 79 10.05 -32.74 -14.11
N LEU I 80 10.77 -32.36 -15.16
CA LEU I 80 11.44 -33.29 -16.03
C LEU I 80 12.90 -33.54 -15.65
N PRO I 81 13.33 -34.78 -15.92
CA PRO I 81 14.62 -35.29 -15.46
C PRO I 81 15.77 -34.35 -15.83
N GLU I 82 15.71 -33.84 -17.06
CA GLU I 82 16.74 -32.93 -17.53
C GLU I 82 16.42 -32.35 -18.89
N GLU I 83 17.40 -32.40 -19.80
CA GLU I 83 17.19 -31.86 -21.14
C GLU I 83 16.39 -32.84 -22.01
N LEU I 84 15.25 -33.27 -21.47
CA LEU I 84 14.34 -34.16 -22.21
C LEU I 84 13.65 -33.35 -23.30
N PRO I 85 13.60 -33.91 -24.51
CA PRO I 85 13.05 -33.17 -25.64
C PRO I 85 11.56 -32.88 -25.46
N PRO I 86 11.16 -31.67 -25.83
CA PRO I 86 9.78 -31.23 -25.71
C PRO I 86 8.88 -31.79 -26.82
N GLU I 87 7.59 -31.79 -26.55
CA GLU I 87 6.55 -32.19 -27.48
C GLU I 87 5.87 -30.93 -28.03
N LYS I 88 5.07 -31.10 -29.06
CA LYS I 88 4.45 -29.97 -29.76
C LYS I 88 3.58 -29.09 -28.88
N HIS I 89 3.05 -29.58 -27.76
CA HIS I 89 2.20 -28.73 -26.93
C HIS I 89 2.90 -28.30 -25.65
N ASP I 90 4.20 -28.55 -25.60
CA ASP I 90 5.00 -28.16 -24.43
C ASP I 90 5.41 -26.70 -24.57
N HIS I 91 4.51 -25.78 -24.23
CA HIS I 91 4.66 -24.37 -24.56
C HIS I 91 5.56 -23.58 -23.63
N VAL I 92 5.73 -24.00 -22.38
CA VAL I 92 6.58 -23.23 -21.48
C VAL I 92 7.40 -24.15 -20.57
N ASP I 93 8.69 -23.88 -20.41
CA ASP I 93 9.56 -24.60 -19.51
C ASP I 93 10.18 -23.66 -18.48
N LEU I 94 10.45 -24.15 -17.27
CA LEU I 94 11.34 -23.40 -16.37
C LEU I 94 12.64 -24.17 -16.21
N VAL I 95 13.72 -23.71 -16.83
CA VAL I 95 14.98 -24.44 -16.68
C VAL I 95 15.59 -24.16 -15.31
N MET I 96 15.67 -25.20 -14.48
CA MET I 96 16.17 -25.00 -13.12
C MET I 96 17.67 -25.22 -13.01
N SER I 97 18.23 -24.65 -11.95
CA SER I 97 19.64 -24.78 -11.66
C SER I 97 19.96 -26.22 -11.24
N ASN I 98 19.00 -26.88 -10.62
CA ASN I 98 19.16 -28.27 -10.17
C ASN I 98 19.12 -29.26 -11.33
N GLY I 99 19.19 -28.78 -12.56
CA GLY I 99 19.19 -29.65 -13.73
C GLY I 99 17.83 -30.20 -14.07
N LYS I 100 16.83 -29.95 -13.22
CA LYS I 100 15.50 -30.43 -13.58
C LYS I 100 14.77 -29.33 -14.36
N VAL I 101 13.64 -29.70 -14.95
CA VAL I 101 12.85 -28.72 -15.67
C VAL I 101 11.40 -28.74 -15.22
N LEU I 102 10.84 -27.54 -15.09
CA LEU I 102 9.38 -27.40 -14.95
C LEU I 102 8.81 -27.20 -16.37
N ARG I 103 8.08 -28.24 -16.80
CA ARG I 103 7.52 -28.27 -18.15
C ARG I 103 6.00 -28.18 -18.13
N TYR I 104 5.49 -27.17 -18.83
CA TYR I 104 4.06 -26.91 -18.94
C TYR I 104 3.56 -27.29 -20.33
N THR I 105 2.57 -28.15 -20.41
CA THR I 105 1.96 -28.68 -21.62
C THR I 105 0.50 -28.26 -21.72
N ASP I 106 0.05 -27.78 -22.88
CA ASP I 106 -1.32 -27.27 -22.93
C ASP I 106 -1.82 -27.17 -24.35
N PRO I 107 -2.43 -28.25 -24.85
CA PRO I 107 -2.87 -28.31 -26.23
C PRO I 107 -3.87 -27.22 -26.59
N ARG I 108 -4.87 -27.00 -25.73
CA ARG I 108 -5.90 -26.01 -26.09
C ARG I 108 -5.40 -24.59 -25.86
N ARG I 109 -4.40 -24.39 -25.00
CA ARG I 109 -3.83 -23.10 -24.70
C ARG I 109 -4.82 -22.16 -24.01
N PHE I 110 -5.61 -22.71 -23.10
CA PHE I 110 -6.56 -21.97 -22.31
C PHE I 110 -5.94 -21.62 -20.96
N GLY I 111 -4.68 -22.00 -20.80
CA GLY I 111 -3.92 -21.71 -19.59
C GLY I 111 -3.37 -20.29 -19.60
N ALA I 112 -2.45 -20.02 -18.68
CA ALA I 112 -1.86 -18.70 -18.55
C ALA I 112 -0.57 -18.73 -17.74
N TRP I 113 0.36 -17.86 -18.15
CA TRP I 113 1.61 -17.62 -17.45
C TRP I 113 1.76 -16.10 -17.27
N LEU I 114 1.59 -15.65 -16.03
CA LEU I 114 1.54 -14.24 -15.72
C LEU I 114 2.45 -13.89 -14.54
N TRP I 115 2.82 -12.62 -14.47
CA TRP I 115 3.68 -12.07 -13.45
C TRP I 115 2.96 -10.93 -12.73
N THR I 116 3.08 -10.88 -11.41
CA THR I 116 2.61 -9.76 -10.63
C THR I 116 3.58 -9.44 -9.49
N LYS I 117 3.89 -8.15 -9.32
CA LYS I 117 4.83 -7.75 -8.27
C LYS I 117 4.27 -8.12 -6.90
N GLU I 118 3.01 -7.75 -6.69
CA GLU I 118 2.31 -8.01 -5.45
C GLU I 118 1.03 -8.80 -5.71
N LEU I 119 0.74 -9.80 -4.88
CA LEU I 119 -0.48 -10.59 -5.03
C LEU I 119 -1.71 -9.72 -4.89
N GLU I 120 -1.62 -8.76 -3.97
CA GLU I 120 -2.72 -7.83 -3.73
C GLU I 120 -2.80 -6.78 -4.84
N GLY I 121 -3.90 -6.02 -4.80
CA GLY I 121 -4.13 -4.95 -5.74
C GLY I 121 -5.23 -5.31 -6.71
N HIS I 122 -4.84 -5.74 -7.90
CA HIS I 122 -5.84 -6.17 -8.86
C HIS I 122 -5.54 -7.57 -9.39
N ASN I 123 -5.32 -7.71 -10.69
CA ASN I 123 -5.08 -8.99 -11.33
C ASN I 123 -6.18 -10.01 -11.06
N VAL I 124 -6.03 -11.10 -11.81
CA VAL I 124 -6.95 -12.25 -11.87
C VAL I 124 -7.31 -12.92 -10.54
N LEU I 125 -6.66 -12.51 -9.46
CA LEU I 125 -6.96 -13.11 -8.15
C LEU I 125 -7.96 -12.25 -7.40
N THR I 126 -7.94 -10.94 -7.65
CA THR I 126 -8.96 -10.05 -7.13
C THR I 126 -10.36 -10.52 -7.54
N HIS I 127 -11.31 -10.26 -6.65
CA HIS I 127 -12.70 -10.64 -6.85
C HIS I 127 -12.91 -12.15 -6.76
N LEU I 128 -11.90 -12.93 -6.39
CA LEU I 128 -12.10 -14.37 -6.21
C LEU I 128 -12.78 -14.64 -4.87
N GLY I 129 -13.77 -15.53 -4.84
CA GLY I 129 -14.46 -15.90 -3.61
C GLY I 129 -13.56 -16.59 -2.61
N PRO I 130 -14.13 -16.98 -1.47
CA PRO I 130 -13.36 -17.67 -0.45
C PRO I 130 -12.92 -19.08 -0.83
N GLU I 131 -11.77 -19.50 -0.29
CA GLU I 131 -11.30 -20.87 -0.43
C GLU I 131 -12.34 -21.81 0.21
N PRO I 132 -12.73 -22.87 -0.48
CA PRO I 132 -13.75 -23.79 0.05
C PRO I 132 -13.28 -24.54 1.29
N LEU I 133 -11.98 -24.79 1.41
CA LEU I 133 -11.49 -25.51 2.58
C LEU I 133 -11.28 -24.59 3.77
N SER I 134 -11.44 -23.28 3.56
CA SER I 134 -11.30 -22.30 4.63
C SER I 134 -12.58 -22.23 5.47
N ASP I 135 -12.45 -21.71 6.69
CA ASP I 135 -13.61 -21.54 7.56
C ASP I 135 -14.49 -20.40 7.06
N ASP I 136 -13.93 -19.60 6.16
CA ASP I 136 -14.68 -18.52 5.53
C ASP I 136 -15.83 -19.07 4.69
N PHE I 137 -15.65 -20.27 4.14
CA PHE I 137 -16.73 -20.89 3.38
C PHE I 137 -17.52 -21.80 4.29
N ASN I 138 -18.74 -21.41 4.65
CA ASN I 138 -19.55 -22.24 5.52
C ASN I 138 -21.04 -22.17 5.15
N GLY I 139 -21.86 -22.96 5.83
CA GLY I 139 -23.28 -23.01 5.54
C GLY I 139 -24.01 -21.70 5.73
N GLU I 140 -23.64 -20.92 6.74
CA GLU I 140 -24.30 -19.61 6.92
C GLU I 140 -23.88 -18.65 5.80
N TYR I 141 -22.61 -18.71 5.38
CA TYR I 141 -22.19 -17.85 4.27
C TYR I 141 -22.98 -18.23 3.02
N LEU I 142 -22.97 -19.52 2.73
CA LEU I 142 -23.59 -20.08 1.54
C LEU I 142 -25.06 -19.70 1.47
N HIS I 143 -25.72 -19.82 2.62
CA HIS I 143 -27.14 -19.48 2.71
C HIS I 143 -27.36 -18.00 2.41
N GLN I 144 -26.56 -17.15 3.02
CA GLN I 144 -26.52 -15.71 2.80
C GLN I 144 -26.44 -15.39 1.31
N LYS I 145 -25.48 -16.02 0.63
CA LYS I 145 -25.20 -15.74 -0.77
C LYS I 145 -26.25 -16.27 -1.72
N CYS I 146 -27.02 -17.28 -1.32
CA CYS I 146 -28.02 -17.83 -2.23
C CYS I 146 -29.31 -17.04 -2.21
N ALA I 147 -29.60 -16.33 -1.12
CA ALA I 147 -30.92 -15.74 -0.93
C ALA I 147 -31.36 -14.87 -2.11
N LYS I 148 -30.42 -14.19 -2.75
CA LYS I 148 -30.81 -13.33 -3.87
C LYS I 148 -30.71 -14.02 -5.21
N LYS I 149 -30.21 -15.26 -5.23
CA LYS I 149 -30.04 -15.88 -6.54
C LYS I 149 -31.38 -16.30 -7.13
N LYS I 150 -31.41 -16.45 -8.45
CA LYS I 150 -32.65 -16.77 -9.14
C LYS I 150 -32.46 -18.02 -10.00
N THR I 151 -31.29 -18.63 -9.89
CA THR I 151 -30.96 -19.74 -10.80
C THR I 151 -30.55 -20.97 -10.02
N ALA I 152 -30.13 -22.01 -10.71
CA ALA I 152 -29.82 -23.32 -10.15
C ALA I 152 -28.55 -23.32 -9.31
N ILE I 153 -28.54 -24.23 -8.32
CA ILE I 153 -27.42 -24.30 -7.40
C ILE I 153 -26.14 -24.77 -8.07
N LYS I 154 -26.25 -25.65 -9.05
CA LYS I 154 -25.05 -26.28 -9.62
C LYS I 154 -24.16 -25.28 -10.34
N PRO I 155 -24.63 -24.50 -11.30
CA PRO I 155 -23.76 -23.47 -11.90
C PRO I 155 -23.27 -22.45 -10.89
N TRP I 156 -24.04 -22.18 -9.85
CA TRP I 156 -23.68 -21.22 -8.80
C TRP I 156 -22.46 -21.70 -8.03
N LEU I 157 -22.40 -23.00 -7.75
CA LEU I 157 -21.22 -23.60 -7.13
C LEU I 157 -19.99 -23.43 -8.01
N MET I 158 -20.16 -23.39 -9.32
CA MET I 158 -19.02 -23.26 -10.23
C MET I 158 -18.67 -21.80 -10.49
N ASP I 159 -19.35 -20.89 -9.81
CA ASP I 159 -19.11 -19.45 -9.93
C ASP I 159 -18.10 -18.96 -8.91
N ASN I 160 -16.90 -18.59 -9.36
CA ASN I 160 -15.80 -18.18 -8.51
C ASN I 160 -16.11 -17.00 -7.60
N LYS I 161 -17.20 -16.30 -7.89
CA LYS I 161 -17.59 -15.21 -6.98
C LYS I 161 -18.13 -15.77 -5.66
N LEU I 162 -18.80 -16.92 -5.74
CA LEU I 162 -19.36 -17.55 -4.56
C LEU I 162 -18.26 -18.30 -3.80
N VAL I 163 -17.49 -19.08 -4.55
CA VAL I 163 -16.42 -19.88 -3.97
C VAL I 163 -15.51 -20.39 -5.07
N VAL I 164 -14.22 -20.58 -4.75
CA VAL I 164 -13.29 -21.00 -5.79
C VAL I 164 -13.05 -22.51 -5.76
N GLY I 165 -12.51 -23.02 -6.86
CA GLY I 165 -12.00 -24.36 -6.95
C GLY I 165 -12.98 -25.46 -7.27
N VAL I 166 -14.28 -25.19 -7.13
CA VAL I 166 -15.27 -26.20 -7.45
C VAL I 166 -15.73 -26.10 -8.90
N GLY I 167 -15.14 -26.92 -9.76
CA GLY I 167 -15.50 -26.87 -11.16
C GLY I 167 -16.57 -27.88 -11.54
N ASN I 168 -16.60 -28.29 -12.81
CA ASN I 168 -17.68 -29.14 -13.27
C ASN I 168 -17.71 -30.48 -12.56
N ILE I 169 -16.55 -31.09 -12.32
CA ILE I 169 -16.60 -32.41 -11.69
C ILE I 169 -17.08 -32.33 -10.24
N TYR I 170 -16.44 -31.53 -9.39
CA TYR I 170 -16.81 -31.55 -7.97
C TYR I 170 -18.12 -30.83 -7.67
N ALA I 171 -18.66 -30.07 -8.63
CA ALA I 171 -19.97 -29.46 -8.40
C ALA I 171 -21.06 -30.53 -8.38
N SER I 172 -20.99 -31.41 -9.38
CA SER I 172 -21.90 -32.54 -9.50
C SER I 172 -21.67 -33.55 -8.37
N GLU I 173 -20.43 -33.83 -8.03
CA GLU I 173 -20.09 -34.82 -7.01
C GLU I 173 -20.54 -34.38 -5.62
N SER I 174 -20.32 -33.09 -5.36
CA SER I 174 -20.68 -32.53 -4.06
C SER I 174 -22.18 -32.54 -3.84
N LEU I 175 -22.96 -32.18 -4.87
CA LEU I 175 -24.41 -32.17 -4.71
C LEU I 175 -24.95 -33.58 -4.48
N PHE I 176 -24.31 -34.57 -5.09
CA PHE I 176 -24.74 -35.95 -4.88
C PHE I 176 -24.60 -36.35 -3.42
N ALA I 177 -23.39 -36.18 -2.92
CA ALA I 177 -23.04 -36.47 -1.54
C ALA I 177 -23.91 -35.67 -0.59
N ALA I 178 -24.43 -34.52 -1.04
CA ALA I 178 -25.32 -33.79 -0.15
C ALA I 178 -26.76 -34.18 -0.44
N GLY I 179 -26.95 -34.99 -1.48
CA GLY I 179 -28.29 -35.43 -1.85
C GLY I 179 -29.14 -34.28 -2.38
N ILE I 180 -28.52 -33.34 -3.09
CA ILE I 180 -29.30 -32.17 -3.51
C ILE I 180 -29.46 -32.14 -5.02
N HIS I 181 -30.69 -32.05 -5.52
CA HIS I 181 -30.94 -31.97 -6.94
C HIS I 181 -30.21 -30.78 -7.55
N PRO I 182 -29.38 -30.98 -8.57
CA PRO I 182 -28.62 -29.86 -9.14
C PRO I 182 -29.50 -28.81 -9.80
N ASP I 183 -30.74 -29.13 -10.18
CA ASP I 183 -31.65 -28.13 -10.74
C ASP I 183 -32.34 -27.32 -9.63
N ARG I 184 -32.14 -27.70 -8.37
CA ARG I 184 -32.75 -26.90 -7.30
C ARG I 184 -32.34 -25.44 -7.40
N LEU I 185 -33.32 -24.55 -7.27
CA LEU I 185 -33.00 -23.13 -7.17
C LEU I 185 -32.07 -22.94 -5.98
N ALA I 186 -31.00 -22.17 -6.19
CA ALA I 186 -30.09 -21.90 -5.08
C ALA I 186 -30.84 -21.29 -3.91
N SER I 187 -31.80 -20.42 -4.23
CA SER I 187 -32.51 -19.70 -3.17
C SER I 187 -33.34 -20.63 -2.29
N SER I 188 -33.65 -21.80 -2.84
CA SER I 188 -34.58 -22.73 -2.22
C SER I 188 -33.87 -23.69 -1.28
N LEU I 189 -32.55 -23.59 -1.16
CA LEU I 189 -31.92 -24.50 -0.19
C LEU I 189 -32.15 -23.97 1.22
N SER I 190 -32.31 -24.89 2.18
CA SER I 190 -32.45 -24.48 3.57
C SER I 190 -31.08 -24.20 4.19
N LEU I 191 -31.09 -23.49 5.31
CA LEU I 191 -29.83 -23.23 6.01
C LEU I 191 -29.11 -24.55 6.27
N ALA I 192 -29.90 -25.56 6.63
CA ALA I 192 -29.37 -26.88 6.92
C ALA I 192 -28.79 -27.54 5.68
N GLU I 193 -29.50 -27.39 4.55
CA GLU I 193 -28.95 -27.97 3.32
C GLU I 193 -27.66 -27.27 2.96
N CYS I 194 -27.68 -25.93 3.05
CA CYS I 194 -26.44 -25.20 2.82
C CYS I 194 -25.32 -25.70 3.72
N GLU I 195 -25.66 -25.92 5.00
CA GLU I 195 -24.64 -26.38 5.95
C GLU I 195 -24.08 -27.74 5.57
N LEU I 196 -24.92 -28.64 5.08
CA LEU I 196 -24.42 -29.95 4.66
C LEU I 196 -23.61 -29.88 3.38
N LEU I 197 -24.06 -29.05 2.44
CA LEU I 197 -23.38 -28.89 1.17
C LEU I 197 -21.96 -28.39 1.35
N ALA I 198 -21.79 -27.35 2.15
CA ALA I 198 -20.45 -26.82 2.43
C ALA I 198 -19.57 -27.90 3.04
N ARG I 199 -20.15 -28.70 3.94
CA ARG I 199 -19.43 -29.80 4.55
C ARG I 199 -19.02 -30.86 3.54
N VAL I 200 -19.93 -31.29 2.67
CA VAL I 200 -19.52 -32.34 1.72
C VAL I 200 -18.56 -31.80 0.67
N ILE I 201 -18.71 -30.51 0.32
CA ILE I 201 -17.75 -29.95 -0.64
C ILE I 201 -16.35 -30.08 -0.08
N LYS I 202 -16.16 -29.71 1.19
CA LYS I 202 -14.84 -29.85 1.80
C LYS I 202 -14.36 -31.30 1.80
N ALA I 203 -15.20 -32.21 2.28
CA ALA I 203 -14.91 -33.63 2.31
C ALA I 203 -14.57 -34.19 0.93
N VAL I 204 -15.40 -33.79 -0.05
CA VAL I 204 -15.12 -34.29 -1.39
C VAL I 204 -13.79 -33.76 -1.87
N LEU I 205 -13.55 -32.45 -1.77
CA LEU I 205 -12.27 -31.92 -2.26
C LEU I 205 -11.09 -32.51 -1.49
N LEU I 206 -11.19 -32.55 -0.17
CA LEU I 206 -10.10 -33.12 0.63
C LEU I 206 -9.82 -34.57 0.28
N ARG I 207 -10.87 -35.32 -0.03
CA ARG I 207 -10.70 -36.69 -0.51
C ARG I 207 -9.92 -36.75 -1.80
N SER I 208 -10.32 -35.97 -2.81
CA SER I 208 -9.65 -36.09 -4.11
C SER I 208 -8.21 -35.62 -4.00
N ILE I 209 -7.96 -34.65 -3.13
CA ILE I 209 -6.56 -34.22 -2.94
C ILE I 209 -5.75 -35.44 -2.48
N GLU I 210 -6.24 -36.08 -1.43
CA GLU I 210 -5.60 -37.23 -0.82
C GLU I 210 -5.23 -38.32 -1.83
N GLN I 211 -6.00 -38.41 -2.92
CA GLN I 211 -5.74 -39.47 -3.90
C GLN I 211 -5.17 -38.96 -5.21
N GLY I 212 -4.68 -37.72 -5.24
CA GLY I 212 -4.01 -37.19 -6.41
C GLY I 212 -4.90 -36.53 -7.43
N GLY I 213 -6.18 -36.29 -7.10
CA GLY I 213 -7.08 -35.65 -8.03
C GLY I 213 -7.61 -36.61 -9.08
N THR I 214 -8.37 -36.08 -10.03
CA THR I 214 -9.06 -36.88 -11.02
C THR I 214 -8.30 -36.93 -12.35
N THR I 215 -8.17 -38.14 -12.88
CA THR I 215 -7.61 -38.36 -14.20
C THR I 215 -8.71 -38.64 -15.23
N LEU I 216 -8.88 -37.71 -16.16
CA LEU I 216 -9.88 -37.87 -17.21
C LEU I 216 -9.23 -38.42 -18.49
N LYS I 225 2.29 -39.72 -13.89
CA LYS I 225 1.45 -40.74 -13.25
C LYS I 225 0.04 -40.18 -13.01
N PRO I 226 -1.01 -40.70 -13.68
CA PRO I 226 -2.34 -40.09 -13.48
C PRO I 226 -2.83 -39.88 -12.07
N GLY I 227 -4.15 -39.68 -12.00
CA GLY I 227 -4.85 -39.50 -10.73
C GLY I 227 -5.64 -40.74 -10.40
N TYR I 228 -5.83 -40.96 -9.11
CA TYR I 228 -6.53 -42.13 -8.62
C TYR I 228 -7.94 -41.82 -8.11
N PHE I 229 -8.50 -40.68 -8.51
CA PHE I 229 -9.80 -40.34 -7.94
C PHE I 229 -10.95 -40.66 -8.87
N ALA I 230 -10.68 -40.81 -10.16
CA ALA I 230 -11.79 -41.00 -11.11
C ALA I 230 -12.61 -42.22 -10.74
N GLN I 231 -11.98 -43.19 -10.10
CA GLN I 231 -12.62 -44.45 -9.71
C GLN I 231 -13.48 -44.29 -8.49
N GLU I 232 -13.32 -43.19 -7.73
CA GLU I 232 -14.24 -42.95 -6.64
C GLU I 232 -15.39 -42.03 -7.04
N LEU I 233 -15.46 -41.64 -8.31
CA LEU I 233 -16.52 -40.73 -8.72
C LEU I 233 -17.89 -41.40 -8.71
N GLN I 234 -18.87 -40.73 -8.12
CA GLN I 234 -20.21 -41.25 -7.99
C GLN I 234 -21.09 -40.90 -9.17
N VAL I 235 -20.96 -39.70 -9.76
CA VAL I 235 -21.93 -39.34 -10.80
C VAL I 235 -21.33 -38.76 -12.05
N TYR I 236 -20.28 -37.96 -11.93
CA TYR I 236 -19.71 -37.30 -13.11
C TYR I 236 -19.31 -38.31 -14.16
N GLY I 237 -19.75 -38.09 -15.40
CA GLY I 237 -19.33 -38.93 -16.51
C GLY I 237 -19.81 -40.36 -16.37
N ARG I 238 -20.89 -40.55 -15.61
CA ARG I 238 -21.42 -41.90 -15.45
C ARG I 238 -22.87 -41.98 -15.91
N LYS I 239 -23.21 -41.19 -16.92
CA LYS I 239 -24.56 -41.21 -17.47
C LYS I 239 -25.01 -42.63 -17.82
N GLY I 240 -26.21 -43.00 -17.38
CA GLY I 240 -26.75 -44.31 -17.69
C GLY I 240 -26.29 -45.40 -16.74
N GLU I 241 -25.08 -45.24 -16.19
CA GLU I 241 -24.57 -46.27 -15.27
C GLU I 241 -25.38 -46.24 -13.98
N PRO I 242 -25.43 -47.37 -13.30
CA PRO I 242 -26.22 -47.48 -12.06
C PRO I 242 -25.60 -46.67 -10.94
N CYS I 243 -26.46 -46.00 -10.17
CA CYS I 243 -25.99 -45.28 -9.00
C CYS I 243 -25.29 -46.24 -8.04
N ARG I 244 -24.08 -45.93 -7.60
CA ARG I 244 -23.31 -46.83 -6.76
C ARG I 244 -23.98 -47.09 -5.43
N VAL I 245 -24.94 -46.24 -5.08
CA VAL I 245 -25.68 -46.37 -3.85
C VAL I 245 -27.03 -47.03 -4.05
N CYS I 246 -27.71 -46.76 -5.17
CA CYS I 246 -29.06 -47.31 -5.30
C CYS I 246 -29.34 -47.98 -6.63
N GLY I 247 -28.38 -47.98 -7.55
CA GLY I 247 -28.56 -48.63 -8.83
C GLY I 247 -29.37 -47.87 -9.84
N THR I 248 -30.15 -46.84 -9.45
CA THR I 248 -30.87 -46.13 -10.52
C THR I 248 -29.88 -45.49 -11.49
N PRO I 249 -30.05 -45.76 -12.78
CA PRO I 249 -29.09 -45.25 -13.77
C PRO I 249 -28.97 -43.73 -13.69
N ILE I 250 -27.72 -43.28 -13.62
CA ILE I 250 -27.34 -41.89 -13.51
C ILE I 250 -27.88 -41.04 -14.66
N VAL I 251 -28.41 -39.88 -14.28
CA VAL I 251 -29.00 -38.94 -15.22
C VAL I 251 -28.06 -37.79 -15.54
N ALA I 252 -28.08 -37.36 -16.80
CA ALA I 252 -27.26 -36.25 -17.24
C ALA I 252 -28.11 -35.09 -17.75
N THR I 253 -27.72 -33.86 -17.41
CA THR I 253 -28.39 -32.69 -17.98
C THR I 253 -27.33 -31.63 -18.26
N LYS I 254 -27.70 -30.35 -18.35
CA LYS I 254 -26.72 -29.30 -18.59
C LYS I 254 -27.10 -28.01 -17.90
N HIS I 255 -26.11 -27.25 -17.46
CA HIS I 255 -26.30 -25.91 -16.91
C HIS I 255 -25.29 -24.95 -17.53
N ALA I 256 -25.75 -23.90 -18.20
CA ALA I 256 -24.85 -23.00 -18.93
C ALA I 256 -23.99 -23.80 -19.91
N GLN I 257 -24.58 -24.85 -20.46
CA GLN I 257 -23.99 -25.73 -21.46
C GLN I 257 -22.81 -26.54 -20.93
N ARG I 258 -22.69 -26.71 -19.63
CA ARG I 258 -21.74 -27.67 -19.06
C ARG I 258 -22.52 -28.89 -18.61
N ALA I 259 -21.98 -30.07 -18.86
CA ALA I 259 -22.65 -31.31 -18.44
C ALA I 259 -22.78 -31.37 -16.92
N THR I 260 -23.96 -31.74 -16.45
CA THR I 260 -24.11 -32.03 -15.02
C THR I 260 -24.78 -33.40 -14.85
N PHE I 261 -24.31 -34.08 -13.82
CA PHE I 261 -24.69 -35.47 -13.59
C PHE I 261 -25.33 -35.63 -12.21
N TYR I 262 -26.42 -36.38 -12.15
CA TYR I 262 -27.01 -36.64 -10.85
C TYR I 262 -27.83 -37.93 -10.85
N CYS I 263 -28.23 -38.26 -9.62
CA CYS I 263 -29.09 -39.40 -9.40
C CYS I 263 -30.48 -38.93 -9.02
N ARG I 264 -31.45 -39.14 -9.91
CA ARG I 264 -32.81 -38.67 -9.72
C ARG I 264 -33.49 -39.23 -8.47
N GLN I 265 -32.93 -40.27 -7.87
CA GLN I 265 -33.51 -40.79 -6.64
C GLN I 265 -32.75 -40.29 -5.42
N CYS I 266 -31.42 -40.34 -5.49
CA CYS I 266 -30.67 -39.88 -4.31
C CYS I 266 -30.66 -38.36 -4.21
N GLN I 267 -31.01 -37.62 -5.26
CA GLN I 267 -30.94 -36.15 -5.19
C GLN I 267 -32.28 -35.49 -5.43
N LYS I 268 -32.65 -34.53 -4.57
CA LYS I 268 -33.97 -33.91 -4.63
C LYS I 268 -33.94 -32.41 -4.38
N PRO J 1 -28.74 14.49 -11.42
CA PRO J 1 -27.42 15.11 -11.39
C PRO J 1 -26.34 14.30 -12.09
N GLU J 2 -25.77 14.89 -13.14
CA GLU J 2 -24.66 14.24 -13.85
C GLU J 2 -23.39 15.06 -13.63
N LEU J 3 -22.32 14.78 -14.36
CA LEU J 3 -21.03 15.44 -14.13
C LEU J 3 -21.11 16.95 -14.03
N PRO J 4 -21.70 17.64 -15.00
CA PRO J 4 -21.71 19.12 -14.94
C PRO J 4 -22.40 19.64 -13.69
N GLU J 5 -23.43 18.94 -13.23
CA GLU J 5 -24.15 19.32 -12.02
C GLU J 5 -23.25 19.09 -10.80
N VAL J 6 -22.53 17.98 -10.82
CA VAL J 6 -21.68 17.66 -9.67
C VAL J 6 -20.45 18.56 -9.69
N GLU J 7 -19.88 18.82 -10.87
CA GLU J 7 -18.75 19.74 -10.90
C GLU J 7 -19.20 21.14 -10.46
N THR J 8 -20.41 21.51 -10.84
CA THR J 8 -20.92 22.81 -10.46
C THR J 8 -21.03 22.90 -8.93
N SER J 9 -21.50 21.82 -8.30
CA SER J 9 -21.57 21.81 -6.84
C SER J 9 -20.17 21.87 -6.23
N ARG J 10 -19.21 21.20 -6.85
CA ARG J 10 -17.86 21.16 -6.32
C ARG J 10 -17.22 22.54 -6.30
N ARG J 11 -17.36 23.29 -7.37
CA ARG J 11 -16.78 24.61 -7.50
C ARG J 11 -17.46 25.63 -6.60
N GLY J 12 -18.77 25.46 -6.39
CA GLY J 12 -19.52 26.37 -5.56
C GLY J 12 -19.26 26.18 -4.08
N ILE J 13 -19.12 24.92 -3.63
CA ILE J 13 -18.87 24.74 -2.20
C ILE J 13 -17.41 24.93 -1.82
N GLU J 14 -16.49 24.67 -2.73
CA GLU J 14 -15.06 24.66 -2.41
C GLU J 14 -14.59 25.91 -1.68
N PRO J 15 -14.86 27.11 -2.20
CA PRO J 15 -14.37 28.30 -1.50
C PRO J 15 -15.00 28.47 -0.13
N HIS J 16 -16.14 27.81 0.11
CA HIS J 16 -16.80 27.97 1.40
C HIS J 16 -16.42 26.86 2.38
N LEU J 17 -15.70 25.85 1.91
CA LEU J 17 -15.33 24.75 2.79
C LEU J 17 -13.81 24.67 2.99
N VAL J 18 -13.06 24.81 1.90
CA VAL J 18 -11.61 24.73 2.03
C VAL J 18 -11.12 25.78 3.03
N GLY J 19 -10.30 25.35 3.98
CA GLY J 19 -9.76 26.29 4.95
C GLY J 19 -10.67 26.42 6.16
N ALA J 20 -11.91 25.95 6.03
CA ALA J 20 -12.81 26.04 7.18
C ALA J 20 -12.87 24.68 7.88
N THR J 21 -13.53 24.64 9.03
CA THR J 21 -13.48 23.45 9.87
C THR J 21 -14.87 22.90 10.14
N ILE J 22 -14.97 21.57 10.05
CA ILE J 22 -16.25 20.94 10.37
C ILE J 22 -16.40 20.87 11.89
N LEU J 23 -17.26 21.71 12.46
CA LEU J 23 -17.52 21.57 13.90
C LEU J 23 -18.09 20.19 14.18
N HIS J 24 -19.12 19.87 13.40
CA HIS J 24 -19.82 18.60 13.55
C HIS J 24 -20.84 18.41 12.44
N ALA J 25 -21.40 17.22 12.39
CA ALA J 25 -22.45 16.86 11.44
C ALA J 25 -23.79 16.74 12.16
N VAL J 26 -24.84 17.17 11.48
CA VAL J 26 -26.20 16.94 11.96
C VAL J 26 -26.95 16.09 10.93
N VAL J 27 -27.16 14.83 11.27
CA VAL J 27 -27.85 13.92 10.37
C VAL J 27 -29.28 13.68 10.84
N ARG J 28 -30.25 14.09 10.02
CA ARG J 28 -31.65 13.89 10.44
C ARG J 28 -32.25 12.64 9.83
N ASN J 29 -31.57 12.10 8.82
CA ASN J 29 -31.93 10.80 8.25
C ASN J 29 -30.67 10.19 7.62
N GLY J 30 -30.14 9.15 8.25
CA GLY J 30 -28.94 8.47 7.79
C GLY J 30 -29.22 7.32 6.85
N ARG J 31 -30.48 7.06 6.55
CA ARG J 31 -30.87 6.00 5.63
C ARG J 31 -30.91 6.49 4.19
N LEU J 32 -29.76 6.50 3.52
CA LEU J 32 -29.69 6.92 2.12
C LEU J 32 -29.63 5.68 1.22
N ARG J 33 -28.97 5.72 0.06
CA ARG J 33 -28.83 4.47 -0.69
C ARG J 33 -28.16 3.40 0.18
N TRP J 34 -27.14 3.82 0.91
CA TRP J 34 -26.55 3.02 1.99
C TRP J 34 -26.63 3.82 3.28
N PRO J 35 -26.47 3.15 4.42
CA PRO J 35 -26.45 3.88 5.68
C PRO J 35 -25.34 4.91 5.69
N VAL J 36 -25.61 6.07 6.27
CA VAL J 36 -24.55 7.05 6.48
C VAL J 36 -23.41 6.41 7.27
N SER J 37 -22.17 6.58 6.84
CA SER J 37 -21.06 5.92 7.53
C SER J 37 -21.03 6.35 9.01
N GLU J 38 -20.75 5.38 9.86
CA GLU J 38 -20.69 5.61 11.31
C GLU J 38 -19.70 6.72 11.63
N GLU J 39 -18.62 6.80 10.85
CA GLU J 39 -17.60 7.81 11.08
C GLU J 39 -18.10 9.23 10.85
N ILE J 40 -19.16 9.41 10.05
CA ILE J 40 -19.60 10.77 9.75
C ILE J 40 -20.20 11.41 11.01
N TYR J 41 -21.03 10.62 11.68
CA TYR J 41 -21.65 11.04 12.94
C TYR J 41 -20.61 11.53 13.92
N ARG J 42 -19.43 10.91 13.92
CA ARG J 42 -18.40 11.26 14.89
C ARG J 42 -17.60 12.49 14.48
N LEU J 43 -17.88 13.07 13.32
CA LEU J 43 -17.11 14.21 12.84
C LEU J 43 -17.06 15.31 13.89
N SER J 44 -15.86 15.79 14.22
CA SER J 44 -15.68 16.82 15.23
C SER J 44 -14.45 17.66 14.95
N ASP J 45 -14.66 18.92 14.60
CA ASP J 45 -13.57 19.86 14.37
C ASP J 45 -12.57 19.32 13.36
N GLN J 46 -13.07 18.87 12.21
CA GLN J 46 -12.24 18.38 11.12
C GLN J 46 -12.07 19.43 10.03
N PRO J 47 -10.84 19.87 9.79
CA PRO J 47 -10.62 20.86 8.73
C PRO J 47 -10.84 20.24 7.35
N VAL J 48 -11.35 21.04 6.43
CA VAL J 48 -11.53 20.61 5.05
C VAL J 48 -10.29 21.03 4.26
N LEU J 49 -9.60 20.04 3.70
CA LEU J 49 -8.35 20.31 3.01
C LEU J 49 -8.55 20.53 1.52
N SER J 50 -9.64 19.98 1.00
CA SER J 50 -9.91 20.00 -0.43
C SER J 50 -11.32 19.52 -0.71
N VAL J 51 -11.88 19.97 -1.83
CA VAL J 51 -13.11 19.42 -2.38
C VAL J 51 -12.83 18.95 -3.81
N GLN J 52 -12.83 17.64 -4.01
CA GLN J 52 -12.59 17.08 -5.33
C GLN J 52 -13.83 16.35 -5.84
N ARG J 53 -13.72 15.86 -7.07
CA ARG J 53 -14.80 15.11 -7.69
C ARG J 53 -14.19 13.95 -8.46
N ARG J 54 -14.82 12.80 -8.37
CA ARG J 54 -14.55 11.64 -9.20
C ARG J 54 -15.90 11.16 -9.76
N ALA J 55 -16.00 11.09 -11.08
CA ALA J 55 -17.26 10.71 -11.71
C ALA J 55 -18.39 11.55 -11.16
N LYS J 56 -19.43 10.95 -10.57
CA LYS J 56 -20.49 11.76 -9.98
C LYS J 56 -20.35 11.84 -8.46
N TYR J 57 -19.14 11.61 -7.97
CA TYR J 57 -18.88 11.62 -6.53
C TYR J 57 -18.15 12.87 -6.07
N LEU J 58 -18.68 13.51 -5.04
CA LEU J 58 -17.92 14.59 -4.40
C LEU J 58 -17.08 14.00 -3.27
N LEU J 59 -15.90 14.57 -3.08
CA LEU J 59 -14.89 14.11 -2.16
C LEU J 59 -14.35 15.26 -1.30
N LEU J 60 -14.60 15.16 0.00
CA LEU J 60 -14.01 16.13 0.94
C LEU J 60 -12.78 15.50 1.59
N GLU J 61 -11.63 16.16 1.42
CA GLU J 61 -10.38 15.67 1.98
C GLU J 61 -10.19 16.14 3.41
N LEU J 62 -10.18 15.20 4.35
CA LEU J 62 -9.98 15.48 5.77
C LEU J 62 -8.61 14.96 6.20
N PRO J 63 -8.07 15.46 7.30
CA PRO J 63 -6.76 14.95 7.77
C PRO J 63 -6.68 13.45 7.90
N GLU J 64 -7.73 12.78 8.38
CA GLU J 64 -7.62 11.34 8.61
C GLU J 64 -8.39 10.49 7.63
N GLY J 65 -9.01 11.09 6.62
CA GLY J 65 -9.81 10.31 5.69
C GLY J 65 -10.60 11.17 4.71
N TRP J 66 -11.54 10.53 4.02
CA TRP J 66 -12.35 11.19 3.02
C TRP J 66 -13.84 10.98 3.27
N ILE J 67 -14.59 12.06 3.08
CA ILE J 67 -16.05 11.96 3.02
C ILE J 67 -16.47 11.90 1.56
N ILE J 68 -17.20 10.84 1.20
CA ILE J 68 -17.64 10.68 -0.17
C ILE J 68 -19.12 11.03 -0.28
N ILE J 69 -19.44 11.96 -1.19
CA ILE J 69 -20.84 12.36 -1.35
C ILE J 69 -21.36 12.02 -2.74
N HIS J 70 -22.55 11.44 -2.79
CA HIS J 70 -23.23 11.16 -4.06
C HIS J 70 -24.65 11.70 -3.96
N LEU J 71 -25.14 12.38 -4.99
CA LEU J 71 -26.45 13.02 -4.96
C LEU J 71 -27.56 12.10 -5.41
N GLY J 72 -27.23 10.95 -5.98
CA GLY J 72 -28.28 10.03 -6.43
C GLY J 72 -29.13 10.69 -7.51
N MET J 73 -30.43 10.44 -7.48
CA MET J 73 -31.33 10.99 -8.48
C MET J 73 -31.89 12.35 -8.09
N SER J 74 -31.99 12.66 -6.80
CA SER J 74 -32.66 13.85 -6.35
C SER J 74 -31.85 14.62 -5.31
N GLY J 75 -30.54 14.36 -5.23
CA GLY J 75 -29.77 15.03 -4.20
C GLY J 75 -29.37 16.43 -4.58
N SER J 76 -29.09 17.28 -3.59
CA SER J 76 -28.52 18.60 -3.83
C SER J 76 -27.80 19.09 -2.58
N LEU J 77 -26.87 19.99 -2.82
CA LEU J 77 -26.02 20.59 -1.82
C LEU J 77 -26.11 22.11 -1.86
N ARG J 78 -26.21 22.72 -0.68
CA ARG J 78 -26.26 24.17 -0.56
C ARG J 78 -25.41 24.62 0.62
N ILE J 79 -24.72 25.73 0.44
CA ILE J 79 -24.03 26.36 1.56
C ILE J 79 -24.99 27.33 2.24
N LEU J 80 -25.39 27.09 3.48
CA LEU J 80 -26.29 28.02 4.15
C LEU J 80 -25.51 29.03 5.00
N PRO J 81 -25.95 30.28 4.92
CA PRO J 81 -25.25 31.37 5.59
C PRO J 81 -25.16 31.15 7.09
N GLU J 82 -26.29 30.77 7.69
CA GLU J 82 -26.41 30.54 9.12
C GLU J 82 -27.11 29.21 9.41
N GLU J 83 -27.39 28.97 10.67
CA GLU J 83 -28.14 27.77 11.06
C GLU J 83 -29.62 27.93 10.72
N LEU J 84 -29.95 27.88 9.44
CA LEU J 84 -31.34 28.00 9.01
C LEU J 84 -32.09 26.74 9.38
N PRO J 85 -33.37 26.87 9.72
CA PRO J 85 -34.17 25.70 10.08
C PRO J 85 -34.32 24.75 8.89
N PRO J 86 -34.25 23.45 9.19
CA PRO J 86 -34.34 22.42 8.17
C PRO J 86 -35.77 22.20 7.68
N GLU J 87 -35.89 21.67 6.48
CA GLU J 87 -37.17 21.23 5.91
C GLU J 87 -37.19 19.71 5.81
N LYS J 88 -38.33 19.12 5.52
CA LYS J 88 -38.52 17.69 5.71
C LYS J 88 -37.55 16.81 4.94
N HIS J 89 -36.87 17.31 3.90
CA HIS J 89 -36.02 16.39 3.13
C HIS J 89 -34.56 16.77 3.26
N ASP J 90 -34.28 17.66 4.19
CA ASP J 90 -32.93 18.06 4.57
C ASP J 90 -32.33 16.98 5.47
N HIS J 91 -31.57 16.04 4.89
CA HIS J 91 -31.13 14.88 5.65
C HIS J 91 -29.72 14.94 6.21
N VAL J 92 -28.80 15.72 5.65
CA VAL J 92 -27.46 15.77 6.21
C VAL J 92 -26.89 17.19 6.21
N ASP J 93 -26.41 17.64 7.37
CA ASP J 93 -25.76 18.92 7.55
C ASP J 93 -24.31 18.77 8.01
N LEU J 94 -23.44 19.65 7.55
CA LEU J 94 -22.09 19.81 8.09
C LEU J 94 -21.97 21.22 8.65
N VAL J 95 -21.95 21.38 9.97
CA VAL J 95 -21.91 22.74 10.52
C VAL J 95 -20.48 23.24 10.58
N MET J 96 -20.14 24.28 9.81
CA MET J 96 -18.76 24.73 9.71
C MET J 96 -18.38 25.77 10.74
N SER J 97 -17.07 25.98 10.89
CA SER J 97 -16.59 26.96 11.87
C SER J 97 -17.01 28.37 11.44
N ASN J 98 -17.12 28.61 10.13
CA ASN J 98 -17.48 29.93 9.61
C ASN J 98 -18.95 30.26 9.77
N GLY J 99 -19.65 29.49 10.62
CA GLY J 99 -21.05 29.74 10.89
C GLY J 99 -21.97 29.28 9.78
N LYS J 100 -21.43 29.07 8.58
CA LYS J 100 -22.33 28.57 7.53
C LYS J 100 -22.50 27.06 7.65
N VAL J 101 -23.43 26.53 6.86
CA VAL J 101 -23.68 25.10 6.87
C VAL J 101 -23.71 24.53 5.46
N LEU J 102 -23.13 23.34 5.32
CA LEU J 102 -23.31 22.58 4.09
C LEU J 102 -24.55 21.71 4.28
N ARG J 103 -25.61 22.00 3.53
CA ARG J 103 -26.87 21.29 3.67
C ARG J 103 -27.15 20.40 2.46
N TYR J 104 -27.34 19.13 2.75
CA TYR J 104 -27.70 18.10 1.79
C TYR J 104 -29.21 17.84 1.85
N THR J 105 -29.87 17.93 0.71
CA THR J 105 -31.30 17.69 0.57
C THR J 105 -31.56 16.54 -0.41
N ASP J 106 -32.47 15.62 -0.07
CA ASP J 106 -32.65 14.49 -0.98
C ASP J 106 -33.94 13.74 -0.69
N PRO J 107 -35.02 14.11 -1.36
CA PRO J 107 -36.33 13.50 -1.14
C PRO J 107 -36.34 11.99 -1.35
N ARG J 108 -35.81 11.49 -2.48
CA ARG J 108 -35.93 10.05 -2.72
C ARG J 108 -34.94 9.26 -1.86
N ARG J 109 -33.87 9.92 -1.42
CA ARG J 109 -32.82 9.32 -0.60
C ARG J 109 -32.06 8.25 -1.36
N PHE J 110 -31.71 8.54 -2.61
CA PHE J 110 -30.92 7.63 -3.45
C PHE J 110 -29.45 8.04 -3.39
N GLY J 111 -29.18 9.15 -2.71
CA GLY J 111 -27.80 9.61 -2.56
C GLY J 111 -27.06 8.79 -1.51
N ALA J 112 -25.95 9.30 -0.98
CA ALA J 112 -25.12 8.56 -0.05
C ALA J 112 -24.08 9.46 0.60
N TRP J 113 -23.68 9.11 1.80
CA TRP J 113 -22.58 9.74 2.54
C TRP J 113 -21.76 8.60 3.14
N LEU J 114 -20.54 8.43 2.64
CA LEU J 114 -19.69 7.32 3.06
C LEU J 114 -18.35 7.83 3.55
N TRP J 115 -17.74 7.05 4.44
CA TRP J 115 -16.43 7.37 4.95
C TRP J 115 -15.39 6.37 4.46
N THR J 116 -14.23 6.85 4.05
CA THR J 116 -13.13 5.95 3.71
C THR J 116 -11.80 6.54 4.18
N LYS J 117 -10.91 5.70 4.69
CA LYS J 117 -9.59 6.19 5.12
C LYS J 117 -8.81 6.65 3.89
N GLU J 118 -8.82 5.79 2.87
CA GLU J 118 -8.10 6.08 1.63
C GLU J 118 -8.99 5.93 0.41
N LEU J 119 -8.74 6.75 -0.60
CA LEU J 119 -9.46 6.73 -1.86
C LEU J 119 -9.19 5.44 -2.64
N GLU J 120 -7.92 5.05 -2.65
CA GLU J 120 -7.50 3.92 -3.47
C GLU J 120 -8.13 2.62 -2.98
N GLY J 121 -8.54 1.81 -4.03
CA GLY J 121 -9.23 0.51 -3.94
C GLY J 121 -10.38 0.59 -2.96
N HIS J 122 -11.44 1.35 -3.25
CA HIS J 122 -12.45 1.56 -2.21
C HIS J 122 -13.78 0.80 -2.29
N ASN J 123 -14.46 0.92 -3.40
CA ASN J 123 -15.74 0.30 -3.64
C ASN J 123 -16.44 1.17 -4.68
N VAL J 124 -17.20 2.16 -4.20
CA VAL J 124 -17.97 2.99 -5.12
C VAL J 124 -17.08 3.64 -6.18
N LEU J 125 -15.80 3.83 -5.90
CA LEU J 125 -14.92 4.48 -6.86
C LEU J 125 -14.15 3.50 -7.73
N THR J 126 -14.11 2.25 -7.25
CA THR J 126 -13.42 1.18 -7.94
C THR J 126 -14.22 0.75 -9.16
N HIS J 127 -13.49 0.38 -10.21
CA HIS J 127 -14.04 -0.06 -11.48
C HIS J 127 -14.70 1.07 -12.27
N LEU J 128 -14.44 2.32 -11.92
CA LEU J 128 -14.94 3.44 -12.69
C LEU J 128 -14.12 3.67 -13.95
N GLY J 129 -14.77 3.99 -15.05
CA GLY J 129 -14.09 4.31 -16.30
C GLY J 129 -13.46 5.70 -16.27
N PRO J 130 -12.81 6.10 -17.35
CA PRO J 130 -12.11 7.38 -17.39
C PRO J 130 -13.02 8.59 -17.31
N GLU J 131 -12.47 9.68 -16.76
CA GLU J 131 -13.11 10.99 -16.79
C GLU J 131 -13.26 11.42 -18.25
N PRO J 132 -14.46 11.85 -18.62
CA PRO J 132 -14.72 12.18 -20.03
C PRO J 132 -13.95 13.43 -20.45
N LEU J 133 -13.62 14.29 -19.49
CA LEU J 133 -12.87 15.49 -19.82
C LEU J 133 -11.36 15.24 -19.76
N SER J 134 -10.95 14.02 -19.46
CA SER J 134 -9.51 13.70 -19.48
C SER J 134 -9.09 13.23 -20.86
N ASP J 135 -7.80 13.30 -21.16
CA ASP J 135 -7.26 12.77 -22.40
C ASP J 135 -7.45 11.25 -22.48
N ASP J 136 -7.69 10.63 -21.35
CA ASP J 136 -7.95 9.21 -21.21
C ASP J 136 -9.18 8.77 -22.01
N PHE J 137 -10.17 9.66 -22.08
CA PHE J 137 -11.35 9.41 -22.89
C PHE J 137 -11.17 10.06 -24.25
N ASN J 138 -10.97 9.22 -25.27
CA ASN J 138 -10.81 9.74 -26.62
C ASN J 138 -11.46 8.81 -27.64
N GLY J 139 -11.44 9.27 -28.89
CA GLY J 139 -12.04 8.57 -30.01
C GLY J 139 -11.43 7.22 -30.26
N GLU J 140 -10.13 7.09 -30.03
CA GLU J 140 -9.53 5.75 -30.20
C GLU J 140 -10.04 4.81 -29.11
N TYR J 141 -10.01 5.26 -27.86
CA TYR J 141 -10.42 4.40 -26.75
C TYR J 141 -11.84 3.91 -26.93
N LEU J 142 -12.72 4.85 -27.25
CA LEU J 142 -14.14 4.62 -27.41
C LEU J 142 -14.39 3.58 -28.48
N HIS J 143 -13.74 3.74 -29.62
CA HIS J 143 -13.88 2.80 -30.73
C HIS J 143 -13.47 1.39 -30.33
N GLN J 144 -12.35 1.29 -29.63
CA GLN J 144 -11.84 0.06 -29.03
C GLN J 144 -12.88 -0.59 -28.12
N LYS J 145 -13.47 0.23 -27.25
CA LYS J 145 -14.42 -0.27 -26.26
C LYS J 145 -15.74 -0.70 -26.88
N CYS J 146 -16.08 -0.12 -28.04
CA CYS J 146 -17.34 -0.45 -28.69
C CYS J 146 -17.25 -1.73 -29.50
N ALA J 147 -16.03 -2.11 -29.86
CA ALA J 147 -15.81 -3.18 -30.82
C ALA J 147 -16.57 -4.45 -30.51
N LYS J 148 -16.67 -4.82 -29.24
CA LYS J 148 -17.29 -6.12 -28.96
C LYS J 148 -18.69 -5.92 -28.40
N LYS J 149 -19.13 -4.67 -28.29
CA LYS J 149 -20.50 -4.46 -27.82
C LYS J 149 -21.50 -4.96 -28.85
N LYS J 150 -22.65 -5.42 -28.35
CA LYS J 150 -23.69 -5.96 -29.20
C LYS J 150 -24.97 -5.13 -29.08
N THR J 151 -24.85 -4.00 -28.39
CA THR J 151 -26.06 -3.22 -28.10
C THR J 151 -25.88 -1.76 -28.53
N ALA J 152 -26.82 -0.91 -28.17
CA ALA J 152 -26.93 0.45 -28.66
C ALA J 152 -26.01 1.43 -27.93
N ILE J 153 -25.61 2.46 -28.69
CA ILE J 153 -24.61 3.40 -28.19
C ILE J 153 -25.12 4.27 -27.05
N LYS J 154 -26.40 4.63 -27.03
CA LYS J 154 -26.84 5.55 -25.97
C LYS J 154 -26.69 4.92 -24.58
N PRO J 155 -27.19 3.74 -24.29
CA PRO J 155 -27.04 3.22 -22.92
C PRO J 155 -25.59 2.89 -22.61
N TRP J 156 -24.80 2.54 -23.61
CA TRP J 156 -23.36 2.31 -23.44
C TRP J 156 -22.66 3.56 -22.89
N LEU J 157 -23.05 4.73 -23.36
CA LEU J 157 -22.45 5.98 -22.89
C LEU J 157 -22.80 6.27 -21.43
N MET J 158 -23.94 5.75 -20.98
CA MET J 158 -24.35 5.88 -19.58
C MET J 158 -23.82 4.71 -18.75
N ASP J 159 -22.92 3.91 -19.30
CA ASP J 159 -22.28 2.85 -18.54
C ASP J 159 -20.97 3.34 -17.92
N ASN J 160 -20.94 3.50 -16.60
CA ASN J 160 -19.81 4.04 -15.87
C ASN J 160 -18.53 3.26 -16.11
N LYS J 161 -18.62 2.04 -16.60
CA LYS J 161 -17.41 1.30 -16.94
C LYS J 161 -16.79 1.83 -18.23
N LEU J 162 -17.60 2.36 -19.16
CA LEU J 162 -17.03 2.88 -20.39
C LEU J 162 -16.43 4.26 -20.14
N VAL J 163 -17.27 5.09 -19.50
CA VAL J 163 -16.86 6.46 -19.19
C VAL J 163 -17.77 7.00 -18.11
N VAL J 164 -17.24 7.87 -17.25
CA VAL J 164 -18.07 8.33 -16.13
C VAL J 164 -18.79 9.63 -16.48
N GLY J 165 -19.78 9.98 -15.67
CA GLY J 165 -20.43 11.26 -15.67
C GLY J 165 -21.45 11.55 -16.74
N VAL J 166 -21.57 10.72 -17.77
CA VAL J 166 -22.57 10.98 -18.79
C VAL J 166 -23.88 10.29 -18.45
N GLY J 167 -24.81 11.00 -17.80
CA GLY J 167 -26.11 10.41 -17.49
C GLY J 167 -27.11 10.48 -18.61
N ASN J 168 -28.39 10.36 -18.28
CA ASN J 168 -29.46 10.27 -19.26
C ASN J 168 -29.61 11.53 -20.11
N ILE J 169 -29.33 12.70 -19.55
CA ILE J 169 -29.48 13.92 -20.34
C ILE J 169 -28.34 14.10 -21.35
N TYR J 170 -27.10 14.02 -20.90
CA TYR J 170 -25.98 14.28 -21.81
C TYR J 170 -25.70 13.11 -22.73
N ALA J 171 -26.19 11.91 -22.43
CA ALA J 171 -26.06 10.84 -23.42
C ALA J 171 -26.82 11.19 -24.70
N SER J 172 -28.03 11.69 -24.52
CA SER J 172 -28.92 12.07 -25.60
C SER J 172 -28.48 13.35 -26.29
N GLU J 173 -28.06 14.33 -25.51
CA GLU J 173 -27.61 15.63 -26.01
C GLU J 173 -26.32 15.45 -26.80
N SER J 174 -25.41 14.64 -26.27
CA SER J 174 -24.16 14.34 -26.97
C SER J 174 -24.44 13.67 -28.30
N LEU J 175 -25.44 12.77 -28.29
CA LEU J 175 -25.66 12.03 -29.55
C LEU J 175 -26.31 12.92 -30.60
N PHE J 176 -27.20 13.82 -30.20
CA PHE J 176 -27.75 14.71 -31.23
C PHE J 176 -26.61 15.55 -31.81
N ALA J 177 -25.87 16.22 -30.94
CA ALA J 177 -24.80 17.12 -31.39
C ALA J 177 -23.76 16.40 -32.24
N ALA J 178 -23.67 15.08 -32.15
CA ALA J 178 -22.76 14.31 -32.98
C ALA J 178 -23.47 13.78 -34.23
N GLY J 179 -24.79 13.92 -34.26
CA GLY J 179 -25.55 13.44 -35.41
C GLY J 179 -25.68 11.95 -35.45
N ILE J 180 -25.75 11.30 -34.29
CA ILE J 180 -25.75 9.83 -34.30
C ILE J 180 -27.02 9.26 -33.71
N HIS J 181 -27.72 8.42 -34.46
CA HIS J 181 -28.93 7.81 -33.93
C HIS J 181 -28.65 7.00 -32.65
N PRO J 182 -29.36 7.28 -31.57
CA PRO J 182 -29.13 6.60 -30.30
C PRO J 182 -29.31 5.09 -30.36
N ASP J 183 -30.04 4.57 -31.34
CA ASP J 183 -30.25 3.14 -31.48
C ASP J 183 -29.14 2.51 -32.34
N ARG J 184 -28.19 3.28 -32.84
CA ARG J 184 -27.09 2.68 -33.58
C ARG J 184 -26.32 1.70 -32.69
N LEU J 185 -26.01 0.52 -33.23
CA LEU J 185 -25.11 -0.39 -32.54
C LEU J 185 -23.77 0.29 -32.24
N ALA J 186 -23.33 0.23 -31.00
CA ALA J 186 -22.07 0.83 -30.57
C ALA J 186 -20.93 0.42 -31.48
N SER J 187 -20.93 -0.86 -31.85
CA SER J 187 -19.85 -1.39 -32.67
C SER J 187 -19.95 -0.90 -34.11
N SER J 188 -21.12 -0.40 -34.50
CA SER J 188 -21.32 0.08 -35.85
C SER J 188 -20.76 1.48 -36.04
N LEU J 189 -20.39 2.16 -34.95
CA LEU J 189 -19.82 3.48 -35.17
C LEU J 189 -18.43 3.36 -35.79
N SER J 190 -18.08 4.31 -36.65
CA SER J 190 -16.73 4.31 -37.21
C SER J 190 -15.80 5.09 -36.28
N LEU J 191 -14.50 4.90 -36.50
CA LEU J 191 -13.49 5.58 -35.72
C LEU J 191 -13.69 7.08 -35.75
N ALA J 192 -14.06 7.59 -36.93
CA ALA J 192 -14.29 9.03 -37.06
C ALA J 192 -15.56 9.43 -36.32
N GLU J 193 -16.58 8.57 -36.39
CA GLU J 193 -17.79 8.84 -35.60
C GLU J 193 -17.44 8.87 -34.12
N CYS J 194 -16.72 7.81 -33.70
CA CYS J 194 -16.30 7.74 -32.30
C CYS J 194 -15.47 8.96 -31.93
N GLU J 195 -14.61 9.35 -32.86
CA GLU J 195 -13.74 10.50 -32.64
C GLU J 195 -14.58 11.76 -32.52
N LEU J 196 -15.58 11.89 -33.40
CA LEU J 196 -16.46 13.05 -33.23
C LEU J 196 -17.30 12.94 -31.96
N LEU J 197 -17.81 11.74 -31.66
CA LEU J 197 -18.62 11.57 -30.46
C LEU J 197 -17.84 11.95 -29.21
N ALA J 198 -16.57 11.53 -29.15
CA ALA J 198 -15.73 11.88 -28.01
C ALA J 198 -15.59 13.38 -27.86
N ARG J 199 -15.40 14.08 -28.99
CA ARG J 199 -15.24 15.54 -28.90
C ARG J 199 -16.51 16.21 -28.43
N VAL J 200 -17.66 15.82 -29.01
CA VAL J 200 -18.89 16.50 -28.62
C VAL J 200 -19.23 16.30 -27.16
N ILE J 201 -19.01 15.11 -26.61
CA ILE J 201 -19.29 14.90 -25.18
C ILE J 201 -18.47 15.89 -24.36
N LYS J 202 -17.18 16.01 -24.72
CA LYS J 202 -16.33 16.95 -23.96
C LYS J 202 -16.91 18.37 -24.02
N ALA J 203 -17.26 18.79 -25.24
CA ALA J 203 -17.82 20.12 -25.45
C ALA J 203 -19.15 20.29 -24.74
N VAL J 204 -20.04 19.30 -24.93
CA VAL J 204 -21.34 19.40 -24.26
C VAL J 204 -21.15 19.54 -22.75
N LEU J 205 -20.33 18.68 -22.17
CA LEU J 205 -20.10 18.76 -20.72
C LEU J 205 -19.46 20.08 -20.34
N LEU J 206 -18.42 20.45 -21.11
CA LEU J 206 -17.73 21.72 -20.87
C LEU J 206 -18.69 22.91 -20.91
N ARG J 207 -19.63 22.89 -21.84
CA ARG J 207 -20.58 24.00 -21.96
C ARG J 207 -21.53 24.06 -20.78
N SER J 208 -22.12 22.92 -20.43
CA SER J 208 -23.05 22.91 -19.30
C SER J 208 -22.33 23.29 -18.01
N ILE J 209 -21.05 22.95 -17.91
CA ILE J 209 -20.30 23.37 -16.72
C ILE J 209 -20.21 24.88 -16.69
N GLU J 210 -19.86 25.47 -17.83
CA GLU J 210 -19.80 26.93 -17.90
C GLU J 210 -21.17 27.56 -17.73
N GLN J 211 -22.24 26.84 -18.05
CA GLN J 211 -23.58 27.40 -17.89
C GLN J 211 -24.24 27.00 -16.56
N GLY J 212 -23.51 26.32 -15.67
CA GLY J 212 -24.04 25.95 -14.39
C GLY J 212 -24.76 24.62 -14.33
N GLY J 213 -24.77 23.86 -15.43
CA GLY J 213 -25.48 22.60 -15.43
C GLY J 213 -26.96 22.78 -15.68
N THR J 214 -27.70 21.68 -15.64
CA THR J 214 -29.12 21.64 -15.93
C THR J 214 -29.96 21.44 -14.66
N THR J 215 -30.97 22.27 -14.49
CA THR J 215 -31.89 22.15 -13.36
C THR J 215 -33.22 21.55 -13.79
N LEU J 216 -33.54 20.34 -13.30
CA LEU J 216 -34.81 19.71 -13.64
C LEU J 216 -35.90 20.05 -12.62
N LYS J 225 -29.63 28.89 -6.64
CA LYS J 225 -30.23 29.07 -7.95
C LYS J 225 -29.96 27.88 -8.87
N PRO J 226 -30.86 27.65 -9.82
CA PRO J 226 -30.71 26.58 -10.77
C PRO J 226 -29.59 26.85 -11.78
N GLY J 227 -29.56 26.03 -12.83
CA GLY J 227 -28.57 26.14 -13.88
C GLY J 227 -29.24 26.51 -15.20
N TYR J 228 -28.55 27.27 -16.04
CA TYR J 228 -29.11 27.78 -17.29
C TYR J 228 -28.83 26.89 -18.49
N PHE J 229 -28.32 25.67 -18.29
CA PHE J 229 -28.02 24.83 -19.45
C PHE J 229 -29.30 24.18 -19.99
N ALA J 230 -30.33 24.13 -19.14
CA ALA J 230 -31.57 23.52 -19.61
C ALA J 230 -32.10 24.26 -20.83
N GLN J 231 -31.86 25.55 -20.94
CA GLN J 231 -32.42 26.27 -22.10
C GLN J 231 -31.63 25.94 -23.36
N GLU J 232 -30.48 25.30 -23.20
CA GLU J 232 -29.70 24.95 -24.39
C GLU J 232 -29.88 23.50 -24.77
N LEU J 233 -30.89 22.81 -24.27
CA LEU J 233 -31.06 21.41 -24.66
C LEU J 233 -31.66 21.29 -26.06
N GLN J 234 -31.09 20.41 -26.87
CA GLN J 234 -31.58 20.16 -28.23
C GLN J 234 -32.63 19.06 -28.28
N VAL J 235 -32.55 18.09 -27.36
CA VAL J 235 -33.47 16.96 -27.47
C VAL J 235 -33.99 16.47 -26.14
N TYR J 236 -33.21 16.57 -25.07
CA TYR J 236 -33.68 16.02 -23.80
C TYR J 236 -34.92 16.74 -23.30
N GLY J 237 -35.97 15.98 -23.08
CA GLY J 237 -37.22 16.50 -22.56
C GLY J 237 -38.01 17.26 -23.60
N ARG J 238 -37.77 17.04 -24.88
CA ARG J 238 -38.50 17.84 -25.88
C ARG J 238 -39.25 16.95 -26.85
N LYS J 239 -39.86 15.89 -26.30
CA LYS J 239 -40.61 14.97 -27.16
C LYS J 239 -41.72 15.70 -27.91
N GLY J 240 -41.78 15.51 -29.22
CA GLY J 240 -42.81 16.13 -30.03
C GLY J 240 -42.44 17.52 -30.51
N GLU J 241 -41.72 18.31 -29.71
CA GLU J 241 -41.33 19.65 -30.15
C GLU J 241 -40.43 19.57 -31.38
N PRO J 242 -40.40 20.61 -32.20
CA PRO J 242 -39.60 20.57 -33.44
C PRO J 242 -38.10 20.60 -33.15
N CYS J 243 -37.32 19.87 -33.94
CA CYS J 243 -35.86 19.96 -33.82
C CYS J 243 -35.41 21.41 -34.01
N ARG J 244 -34.57 21.89 -33.11
CA ARG J 244 -34.04 23.24 -33.14
C ARG J 244 -33.27 23.55 -34.42
N VAL J 245 -32.87 22.50 -35.13
CA VAL J 245 -32.04 22.65 -36.32
C VAL J 245 -32.84 22.47 -37.60
N CYS J 246 -33.73 21.49 -37.63
CA CYS J 246 -34.43 21.15 -38.86
C CYS J 246 -35.94 21.09 -38.71
N GLY J 247 -36.46 21.51 -37.56
CA GLY J 247 -37.88 21.56 -37.32
C GLY J 247 -38.56 20.24 -37.04
N THR J 248 -38.03 19.11 -37.50
CA THR J 248 -38.74 17.85 -37.27
C THR J 248 -38.92 17.59 -35.78
N PRO J 249 -40.15 17.26 -35.40
CA PRO J 249 -40.48 17.07 -33.98
C PRO J 249 -39.63 15.97 -33.35
N ILE J 250 -39.02 16.28 -32.23
CA ILE J 250 -38.18 15.39 -31.43
C ILE J 250 -38.91 14.09 -31.10
N VAL J 251 -38.17 13.00 -31.24
CA VAL J 251 -38.72 11.68 -30.98
C VAL J 251 -38.28 11.18 -29.62
N ALA J 252 -39.19 10.49 -28.92
CA ALA J 252 -38.84 9.92 -27.63
C ALA J 252 -38.81 8.39 -27.72
N THR J 253 -37.79 7.77 -27.11
CA THR J 253 -37.78 6.31 -27.10
C THR J 253 -37.22 5.82 -25.78
N LYS J 254 -36.78 4.56 -25.68
CA LYS J 254 -36.31 4.04 -24.41
C LYS J 254 -35.15 3.05 -24.56
N HIS J 255 -34.21 3.15 -23.61
CA HIS J 255 -33.19 2.12 -23.43
C HIS J 255 -33.05 1.75 -21.96
N ALA J 256 -33.17 0.46 -21.63
CA ALA J 256 -33.05 0.05 -20.23
C ALA J 256 -34.05 0.83 -19.38
N GLN J 257 -35.20 1.05 -20.00
CA GLN J 257 -36.34 1.74 -19.41
C GLN J 257 -36.01 3.18 -19.04
N ARG J 258 -34.90 3.68 -19.54
CA ARG J 258 -34.55 5.09 -19.39
C ARG J 258 -34.94 5.82 -20.69
N ALA J 259 -35.49 7.02 -20.56
CA ALA J 259 -35.99 7.73 -21.73
C ALA J 259 -34.87 8.28 -22.61
N THR J 260 -35.00 8.13 -23.93
CA THR J 260 -33.99 8.73 -24.81
C THR J 260 -34.66 9.52 -25.93
N PHE J 261 -34.06 10.67 -26.22
CA PHE J 261 -34.62 11.66 -27.13
C PHE J 261 -33.66 11.95 -28.27
N TYR J 262 -34.17 11.93 -29.49
CA TYR J 262 -33.33 12.24 -30.64
C TYR J 262 -34.15 12.81 -31.80
N CYS J 263 -33.40 13.24 -32.80
CA CYS J 263 -33.99 13.72 -34.02
C CYS J 263 -33.80 12.72 -35.15
N ARG J 264 -34.92 12.20 -35.65
CA ARG J 264 -34.90 11.22 -36.72
C ARG J 264 -34.29 11.74 -38.01
N GLN J 265 -34.14 13.06 -38.13
CA GLN J 265 -33.53 13.59 -39.36
C GLN J 265 -32.04 13.85 -39.16
N CYS J 266 -31.70 14.59 -38.10
CA CYS J 266 -30.30 14.94 -37.89
C CYS J 266 -29.45 13.77 -37.43
N GLN J 267 -30.00 12.73 -36.83
CA GLN J 267 -29.13 11.71 -36.24
C GLN J 267 -29.22 10.38 -36.96
N LYS J 268 -28.06 9.76 -37.23
CA LYS J 268 -27.99 8.50 -37.93
C LYS J 268 -26.97 7.54 -37.35
N PRO K 1 25.49 -15.45 16.57
CA PRO K 1 24.99 -15.87 15.27
C PRO K 1 24.89 -14.69 14.29
N GLU K 2 25.60 -14.82 13.17
CA GLU K 2 25.65 -13.85 12.10
C GLU K 2 24.99 -14.40 10.84
N LEU K 3 25.18 -13.78 9.69
CA LEU K 3 24.49 -14.23 8.48
C LEU K 3 24.74 -15.70 8.17
N PRO K 4 25.97 -16.20 8.13
CA PRO K 4 26.22 -17.61 7.83
C PRO K 4 25.51 -18.57 8.78
N GLU K 5 25.42 -18.20 10.05
CA GLU K 5 24.76 -19.02 11.05
C GLU K 5 23.25 -18.98 10.86
N VAL K 6 22.72 -17.80 10.53
CA VAL K 6 21.26 -17.72 10.35
C VAL K 6 20.81 -18.38 9.05
N GLU K 7 21.57 -18.22 7.97
CA GLU K 7 21.21 -18.88 6.71
C GLU K 7 21.30 -20.39 6.83
N THR K 8 22.32 -20.83 7.57
CA THR K 8 22.49 -22.26 7.83
C THR K 8 21.25 -22.81 8.54
N SER K 9 20.75 -22.09 9.54
CA SER K 9 19.52 -22.54 10.20
C SER K 9 18.37 -22.56 9.22
N ARG K 10 18.30 -21.52 8.38
CA ARG K 10 17.22 -21.41 7.41
C ARG K 10 17.17 -22.62 6.48
N ARG K 11 18.35 -23.02 6.01
CA ARG K 11 18.47 -24.09 5.04
C ARG K 11 18.16 -25.45 5.67
N GLY K 12 18.55 -25.65 6.92
CA GLY K 12 18.30 -26.91 7.58
C GLY K 12 16.86 -27.05 8.03
N ILE K 13 16.21 -25.96 8.44
CA ILE K 13 14.85 -26.11 8.92
C ILE K 13 13.83 -26.07 7.77
N GLU K 14 14.18 -25.42 6.66
CA GLU K 14 13.24 -25.28 5.56
C GLU K 14 12.62 -26.61 5.13
N PRO K 15 13.42 -27.62 4.82
CA PRO K 15 12.81 -28.89 4.37
C PRO K 15 11.92 -29.51 5.43
N HIS K 16 12.10 -29.17 6.70
CA HIS K 16 11.29 -29.79 7.74
C HIS K 16 10.04 -28.99 8.07
N LEU K 17 9.98 -27.74 7.62
CA LEU K 17 8.87 -26.88 7.99
C LEU K 17 7.94 -26.61 6.82
N VAL K 18 8.51 -26.33 5.65
CA VAL K 18 7.64 -26.09 4.49
C VAL K 18 6.82 -27.33 4.16
N GLY K 19 5.51 -27.16 4.01
CA GLY K 19 4.67 -28.29 3.68
C GLY K 19 4.25 -29.08 4.91
N ALA K 20 4.60 -28.54 6.08
CA ALA K 20 4.07 -29.09 7.33
C ALA K 20 3.17 -28.05 7.97
N THR K 21 2.46 -28.44 9.02
CA THR K 21 1.58 -27.52 9.73
C THR K 21 1.99 -27.37 11.19
N ILE K 22 1.89 -26.15 11.70
CA ILE K 22 2.14 -25.93 13.11
C ILE K 22 0.89 -26.26 13.92
N LEU K 23 0.92 -27.38 14.65
CA LEU K 23 -0.22 -27.73 15.49
C LEU K 23 -0.47 -26.65 16.53
N HIS K 24 0.62 -26.21 17.15
CA HIS K 24 0.57 -25.20 18.20
C HIS K 24 1.96 -24.87 18.73
N ALA K 25 2.03 -23.81 19.54
CA ALA K 25 3.30 -23.40 20.11
C ALA K 25 3.30 -23.63 21.62
N VAL K 26 4.47 -23.96 22.13
CA VAL K 26 4.80 -23.94 23.55
C VAL K 26 5.84 -22.85 23.82
N VAL K 27 5.45 -21.86 24.61
CA VAL K 27 6.34 -20.76 24.99
C VAL K 27 6.69 -20.86 26.45
N ARG K 28 7.96 -21.06 26.82
CA ARG K 28 8.21 -21.34 28.24
C ARG K 28 8.86 -20.17 28.95
N ASN K 29 9.49 -19.26 28.23
CA ASN K 29 9.91 -17.97 28.77
C ASN K 29 9.77 -16.97 27.63
N GLY K 30 8.79 -16.09 27.79
CA GLY K 30 8.51 -15.11 26.75
C GLY K 30 9.26 -13.81 26.97
N ARG K 31 10.16 -13.77 27.95
CA ARG K 31 10.98 -12.57 28.15
C ARG K 31 12.28 -12.67 27.35
N LEU K 32 12.19 -12.40 26.06
CA LEU K 32 13.36 -12.35 25.19
C LEU K 32 13.75 -10.88 25.00
N ARG K 33 14.39 -10.52 23.88
CA ARG K 33 14.70 -9.11 23.66
C ARG K 33 13.43 -8.26 23.75
N TRP K 34 12.34 -8.80 23.20
CA TRP K 34 11.00 -8.27 23.42
C TRP K 34 10.10 -9.39 23.88
N PRO K 35 8.95 -9.08 24.44
CA PRO K 35 7.99 -10.15 24.79
C PRO K 35 7.62 -10.99 23.58
N VAL K 36 7.47 -12.29 23.77
CA VAL K 36 6.98 -13.11 22.64
C VAL K 36 5.59 -12.62 22.24
N SER K 37 5.33 -12.48 20.94
CA SER K 37 4.03 -11.97 20.51
C SER K 37 2.90 -12.90 20.93
N GLU K 38 1.78 -12.31 21.33
CA GLU K 38 0.54 -13.00 21.64
C GLU K 38 0.25 -14.07 20.59
N GLU K 39 0.31 -13.65 19.32
CA GLU K 39 -0.08 -14.53 18.23
C GLU K 39 0.71 -15.83 18.24
N ILE K 40 1.93 -15.78 18.78
CA ILE K 40 2.68 -17.02 18.88
C ILE K 40 2.04 -17.93 19.92
N TYR K 41 1.65 -17.34 21.05
CA TYR K 41 0.95 -18.13 22.07
C TYR K 41 -0.24 -18.87 21.47
N ARG K 42 -0.99 -18.18 20.61
CA ARG K 42 -2.21 -18.75 20.06
C ARG K 42 -2.04 -19.45 18.72
N LEU K 43 -0.82 -19.67 18.26
CA LEU K 43 -0.62 -20.40 17.00
C LEU K 43 -1.39 -21.72 17.01
N SER K 44 -2.20 -21.92 15.97
CA SER K 44 -3.04 -23.11 15.88
C SER K 44 -3.31 -23.53 14.44
N ASP K 45 -2.87 -24.73 14.11
CA ASP K 45 -3.08 -25.29 12.78
C ASP K 45 -2.60 -24.36 11.67
N GLN K 46 -1.40 -23.84 11.79
CA GLN K 46 -0.86 -22.94 10.76
C GLN K 46 0.15 -23.65 9.88
N PRO K 47 -0.16 -23.82 8.61
CA PRO K 47 0.82 -24.40 7.67
C PRO K 47 1.96 -23.43 7.39
N VAL K 48 3.18 -23.92 7.19
CA VAL K 48 4.29 -23.03 6.88
C VAL K 48 4.47 -22.94 5.37
N LEU K 49 4.42 -21.74 4.80
CA LEU K 49 4.49 -21.62 3.35
C LEU K 49 5.91 -21.45 2.84
N SER K 50 6.72 -20.88 3.71
CA SER K 50 8.09 -20.49 3.32
C SER K 50 8.93 -20.25 4.57
N VAL K 51 10.22 -20.45 4.42
CA VAL K 51 11.21 -20.08 5.42
C VAL K 51 12.25 -19.19 4.74
N GLN K 52 12.20 -17.91 5.06
CA GLN K 52 13.05 -16.91 4.42
C GLN K 52 13.96 -16.27 5.46
N ARG K 53 14.84 -15.39 4.98
CA ARG K 53 15.74 -14.66 5.85
C ARG K 53 15.93 -13.25 5.30
N ARG K 54 15.99 -12.29 6.20
CA ARG K 54 16.37 -10.91 5.97
C ARG K 54 17.39 -10.55 7.05
N ALA K 55 18.60 -10.19 6.62
CA ALA K 55 19.66 -9.87 7.58
C ALA K 55 19.83 -11.04 8.54
N LYS K 56 19.77 -10.79 9.84
CA LYS K 56 19.91 -11.88 10.82
C LYS K 56 18.55 -12.33 11.33
N TYR K 57 17.50 -12.07 10.55
CA TYR K 57 16.15 -12.45 10.96
C TYR K 57 15.61 -13.63 10.15
N LEU K 58 15.13 -14.68 10.81
CA LEU K 58 14.41 -15.74 10.11
C LEU K 58 12.93 -15.35 10.04
N LEU K 59 12.33 -15.68 8.91
CA LEU K 59 10.95 -15.34 8.60
C LEU K 59 10.17 -16.58 8.14
N LEU K 60 9.16 -16.97 8.93
CA LEU K 60 8.29 -18.07 8.53
C LEU K 60 7.01 -17.50 7.93
N GLU K 61 6.72 -17.85 6.69
CA GLU K 61 5.53 -17.36 5.98
C GLU K 61 4.32 -18.23 6.32
N LEU K 62 3.33 -17.63 6.97
CA LEU K 62 2.06 -18.27 7.27
C LEU K 62 0.98 -17.67 6.37
N PRO K 63 -0.17 -18.34 6.25
CA PRO K 63 -1.26 -17.78 5.46
C PRO K 63 -1.62 -16.35 5.83
N GLU K 64 -1.68 -15.97 7.10
CA GLU K 64 -2.16 -14.63 7.42
C GLU K 64 -1.11 -13.72 8.02
N GLY K 65 0.15 -14.11 7.90
CA GLY K 65 1.19 -13.31 8.52
C GLY K 65 2.52 -14.00 8.60
N TRP K 66 3.44 -13.38 9.34
CA TRP K 66 4.79 -13.91 9.43
C TRP K 66 5.26 -14.07 10.87
N ILE K 67 6.00 -15.14 11.09
CA ILE K 67 6.74 -15.31 12.33
C ILE K 67 8.17 -14.83 12.12
N ILE K 68 8.60 -13.85 12.91
CA ILE K 68 9.96 -13.34 12.81
C ILE K 68 10.82 -13.91 13.93
N ILE K 69 11.90 -14.61 13.58
CA ILE K 69 12.76 -15.18 14.61
C ILE K 69 14.15 -14.56 14.55
N HIS K 70 14.68 -14.16 15.70
CA HIS K 70 16.05 -13.66 15.81
C HIS K 70 16.78 -14.47 16.86
N LEU K 71 18.06 -14.74 16.64
CA LEU K 71 18.84 -15.59 17.54
C LEU K 71 19.56 -14.81 18.64
N GLY K 72 19.69 -13.50 18.49
CA GLY K 72 20.40 -12.73 19.50
C GLY K 72 21.88 -13.09 19.53
N MET K 73 22.42 -13.20 20.74
CA MET K 73 23.82 -13.53 20.93
C MET K 73 24.03 -15.00 21.24
N SER K 74 23.00 -15.70 21.75
CA SER K 74 23.25 -17.09 22.14
C SER K 74 22.17 -18.04 21.67
N GLY K 75 21.28 -17.63 20.76
CA GLY K 75 20.19 -18.50 20.39
C GLY K 75 20.57 -19.49 19.30
N SER K 76 19.78 -20.55 19.18
CA SER K 76 19.89 -21.54 18.14
C SER K 76 18.56 -22.27 17.97
N LEU K 77 18.40 -22.91 16.82
CA LEU K 77 17.18 -23.61 16.46
C LEU K 77 17.47 -25.08 16.14
N ARG K 78 16.62 -25.97 16.65
CA ARG K 78 16.81 -27.40 16.36
C ARG K 78 15.50 -28.04 15.90
N ILE K 79 15.64 -28.91 14.89
CA ILE K 79 14.50 -29.71 14.48
C ILE K 79 14.57 -31.05 15.22
N LEU K 80 13.62 -31.27 16.11
CA LEU K 80 13.57 -32.51 16.88
C LEU K 80 12.67 -33.53 16.19
N PRO K 81 13.20 -34.74 16.08
CA PRO K 81 12.53 -35.81 15.34
C PRO K 81 11.13 -36.04 15.91
N GLU K 82 11.08 -35.99 17.24
CA GLU K 82 9.85 -36.06 18.01
C GLU K 82 9.93 -35.08 19.17
N GLU K 83 8.86 -35.04 19.97
CA GLU K 83 8.82 -34.17 21.14
C GLU K 83 9.63 -34.76 22.30
N LEU K 84 10.91 -34.43 22.29
CA LEU K 84 11.82 -34.78 23.37
C LEU K 84 11.56 -33.90 24.59
N PRO K 85 11.94 -34.29 25.79
CA PRO K 85 11.76 -33.39 26.94
C PRO K 85 12.69 -32.18 26.81
N PRO K 86 12.17 -31.01 27.17
CA PRO K 86 12.92 -29.75 27.03
C PRO K 86 13.90 -29.49 28.16
N GLU K 87 14.87 -28.64 27.88
CA GLU K 87 15.90 -28.22 28.81
C GLU K 87 15.65 -26.80 29.29
N LYS K 88 16.36 -26.39 30.33
CA LYS K 88 16.10 -25.12 31.00
C LYS K 88 16.08 -23.91 30.09
N HIS K 89 16.76 -23.93 28.94
CA HIS K 89 16.76 -22.72 28.12
C HIS K 89 15.97 -22.93 26.83
N ASP K 90 15.16 -23.98 26.82
CA ASP K 90 14.35 -24.29 25.63
C ASP K 90 13.08 -23.47 25.64
N HIS K 91 13.14 -22.18 25.29
CA HIS K 91 12.03 -21.26 25.53
C HIS K 91 10.89 -21.32 24.53
N VAL K 92 11.11 -21.84 23.32
CA VAL K 92 10.00 -21.87 22.37
C VAL K 92 10.01 -23.16 21.56
N ASP K 93 8.84 -23.80 21.50
CA ASP K 93 8.65 -25.00 20.70
C ASP K 93 7.54 -24.77 19.67
N LEU K 94 7.74 -25.28 18.47
CA LEU K 94 6.67 -25.29 17.48
C LEU K 94 6.34 -26.75 17.18
N VAL K 95 5.18 -27.22 17.64
CA VAL K 95 4.86 -28.63 17.41
C VAL K 95 4.24 -28.82 16.04
N MET K 96 4.92 -29.56 15.17
CA MET K 96 4.47 -29.77 13.80
C MET K 96 3.58 -30.99 13.64
N SER K 97 2.87 -31.03 12.51
CA SER K 97 2.00 -32.15 12.19
C SER K 97 2.80 -33.40 11.82
N ASN K 98 4.00 -33.16 11.29
CA ASN K 98 4.83 -34.24 10.79
C ASN K 98 5.59 -34.97 11.89
N GLY K 99 5.21 -34.74 13.14
CA GLY K 99 5.88 -35.40 14.26
C GLY K 99 7.20 -34.76 14.62
N LYS K 100 7.66 -33.76 13.87
CA LYS K 100 8.89 -33.12 14.32
C LYS K 100 8.55 -31.87 15.12
N VAL K 101 9.57 -31.27 15.75
CA VAL K 101 9.35 -30.04 16.47
C VAL K 101 10.50 -29.05 16.21
N LEU K 102 10.12 -27.80 16.05
CA LEU K 102 11.10 -26.71 15.94
C LEU K 102 11.39 -26.20 17.36
N ARG K 103 12.61 -26.42 17.84
CA ARG K 103 12.96 -26.03 19.19
C ARG K 103 14.02 -24.93 19.23
N TYR K 104 13.68 -23.87 19.93
CA TYR K 104 14.47 -22.67 20.13
C TYR K 104 15.10 -22.64 21.52
N THR K 105 16.41 -22.47 21.59
CA THR K 105 17.20 -22.44 22.82
C THR K 105 17.93 -21.11 22.95
N ASP K 106 17.85 -20.46 24.11
CA ASP K 106 18.47 -19.14 24.18
C ASP K 106 18.72 -18.69 25.61
N PRO K 107 19.89 -19.06 26.12
CA PRO K 107 20.21 -18.84 27.54
C PRO K 107 20.16 -17.38 27.93
N ARG K 108 20.83 -16.52 27.14
CA ARG K 108 20.87 -15.10 27.47
C ARG K 108 19.56 -14.41 27.14
N ARG K 109 18.73 -15.01 26.28
CA ARG K 109 17.42 -14.46 25.94
C ARG K 109 17.54 -13.11 25.26
N PHE K 110 18.50 -12.97 24.37
CA PHE K 110 18.68 -11.76 23.59
C PHE K 110 18.02 -11.93 22.22
N GLY K 111 17.35 -13.06 22.05
CA GLY K 111 16.69 -13.36 20.78
C GLY K 111 15.28 -12.79 20.79
N ALA K 112 14.43 -13.25 19.86
CA ALA K 112 13.08 -12.72 19.76
C ALA K 112 12.18 -13.60 18.89
N TRP K 113 10.90 -13.56 19.25
CA TRP K 113 9.79 -14.18 18.55
C TRP K 113 8.70 -13.13 18.41
N LEU K 114 8.53 -12.68 17.17
CA LEU K 114 7.59 -11.60 16.90
C LEU K 114 6.62 -12.02 15.78
N TRP K 115 5.40 -11.49 15.90
CA TRP K 115 4.37 -11.69 14.89
C TRP K 115 4.13 -10.38 14.14
N THR K 116 4.02 -10.45 12.82
CA THR K 116 3.63 -9.29 12.02
C THR K 116 2.72 -9.72 10.87
N LYS K 117 1.71 -8.92 10.57
CA LYS K 117 0.79 -9.25 9.49
C LYS K 117 1.48 -9.07 8.14
N GLU K 118 2.21 -7.98 8.02
CA GLU K 118 3.01 -7.68 6.83
C GLU K 118 4.45 -7.37 7.21
N LEU K 119 5.38 -7.73 6.35
CA LEU K 119 6.79 -7.49 6.57
C LEU K 119 7.13 -6.01 6.39
N GLU K 120 6.46 -5.37 5.43
CA GLU K 120 6.72 -3.98 5.09
C GLU K 120 6.25 -3.03 6.18
N GLY K 121 7.08 -2.00 6.43
CA GLY K 121 6.80 -0.99 7.45
C GLY K 121 7.20 -1.46 8.84
N HIS K 122 7.37 -2.77 8.95
CA HIS K 122 7.72 -3.38 10.22
C HIS K 122 9.12 -2.99 10.65
N ASN K 123 9.25 -2.54 11.90
CA ASN K 123 10.56 -2.22 12.39
C ASN K 123 11.30 -3.53 12.77
N VAL K 124 12.61 -3.40 12.91
CA VAL K 124 13.54 -4.50 13.14
C VAL K 124 13.98 -4.91 11.76
N LEU K 125 13.07 -4.72 10.80
CA LEU K 125 13.40 -5.04 9.40
C LEU K 125 13.54 -3.74 8.62
N THR K 126 12.88 -2.71 9.10
CA THR K 126 12.99 -1.36 8.59
C THR K 126 14.35 -0.77 8.90
N HIS K 127 14.82 0.03 7.94
CA HIS K 127 16.07 0.77 8.01
C HIS K 127 17.28 -0.15 7.88
N LEU K 128 17.07 -1.37 7.43
CA LEU K 128 18.19 -2.29 7.27
C LEU K 128 18.96 -2.00 5.99
N GLY K 129 20.28 -2.10 6.03
CA GLY K 129 21.08 -1.98 4.83
C GLY K 129 20.93 -3.17 3.90
N PRO K 130 21.62 -3.12 2.77
CA PRO K 130 21.50 -4.17 1.76
C PRO K 130 22.05 -5.52 2.21
N GLU K 131 21.56 -6.60 1.62
CA GLU K 131 22.11 -7.93 1.83
C GLU K 131 23.51 -7.98 1.23
N PRO K 132 24.49 -8.47 1.99
CA PRO K 132 25.87 -8.44 1.47
C PRO K 132 26.06 -9.37 0.28
N LEU K 133 25.23 -10.41 0.17
CA LEU K 133 25.41 -11.33 -0.96
C LEU K 133 24.70 -10.87 -2.21
N SER K 134 24.05 -9.71 -2.17
CA SER K 134 23.45 -9.16 -3.38
C SER K 134 24.39 -8.17 -4.05
N ASP K 135 24.15 -7.90 -5.33
CA ASP K 135 24.97 -6.95 -6.08
C ASP K 135 24.73 -5.52 -5.60
N ASP K 136 23.66 -5.37 -4.81
CA ASP K 136 23.41 -4.09 -4.15
C ASP K 136 24.56 -3.73 -3.20
N PHE K 137 25.24 -4.74 -2.69
CA PHE K 137 26.43 -4.44 -1.88
C PHE K 137 27.66 -4.56 -2.76
N ASN K 138 28.32 -3.42 -3.03
CA ASN K 138 29.47 -3.52 -3.93
C ASN K 138 30.54 -2.52 -3.56
N GLY K 139 31.58 -2.42 -4.37
CA GLY K 139 32.69 -1.52 -4.07
C GLY K 139 32.27 -0.08 -4.20
N GLU K 140 31.53 0.22 -5.27
CA GLU K 140 31.11 1.61 -5.44
C GLU K 140 30.22 2.05 -4.29
N TYR K 141 29.24 1.21 -3.94
CA TYR K 141 28.32 1.53 -2.86
C TYR K 141 29.11 1.78 -1.57
N LEU K 142 29.99 0.83 -1.27
CA LEU K 142 30.80 0.90 -0.06
C LEU K 142 31.60 2.20 -0.06
N HIS K 143 32.24 2.46 -1.20
CA HIS K 143 33.10 3.64 -1.32
C HIS K 143 32.35 4.94 -1.04
N GLN K 144 31.16 5.03 -1.60
CA GLN K 144 30.23 6.13 -1.46
C GLN K 144 29.82 6.30 0.01
N LYS K 145 29.43 5.19 0.63
CA LYS K 145 28.98 5.22 2.02
C LYS K 145 30.11 5.54 3.00
N CYS K 146 31.36 5.31 2.60
CA CYS K 146 32.46 5.58 3.53
C CYS K 146 32.95 7.02 3.50
N ALA K 147 32.66 7.73 2.42
CA ALA K 147 33.33 9.01 2.14
C ALA K 147 33.26 9.99 3.30
N LYS K 148 32.17 9.96 4.08
CA LYS K 148 32.10 10.99 5.12
C LYS K 148 32.33 10.39 6.49
N LYS K 149 32.63 9.09 6.56
CA LYS K 149 32.87 8.51 7.89
C LYS K 149 34.14 9.09 8.51
N LYS K 150 34.15 9.15 9.84
CA LYS K 150 35.29 9.66 10.58
C LYS K 150 35.89 8.61 11.50
N THR K 151 35.43 7.37 11.38
CA THR K 151 35.87 6.36 12.34
C THR K 151 36.38 5.12 11.64
N ALA K 152 36.74 4.09 12.39
CA ALA K 152 37.38 2.89 11.87
C ALA K 152 36.47 2.06 10.98
N ILE K 153 37.06 1.35 10.03
CA ILE K 153 36.29 0.55 9.09
C ILE K 153 35.67 -0.67 9.75
N LYS K 154 36.33 -1.30 10.71
CA LYS K 154 35.80 -2.52 11.28
C LYS K 154 34.44 -2.30 11.94
N PRO K 155 34.26 -1.38 12.86
CA PRO K 155 32.89 -1.18 13.41
C PRO K 155 31.89 -0.75 12.35
N TRP K 156 32.28 0.01 11.34
CA TRP K 156 31.41 0.37 10.23
C TRP K 156 30.85 -0.85 9.53
N LEU K 157 31.63 -1.93 9.42
CA LEU K 157 31.14 -3.12 8.71
C LEU K 157 30.05 -3.82 9.52
N MET K 158 30.10 -3.65 10.83
CA MET K 158 29.12 -4.23 11.74
C MET K 158 27.92 -3.31 11.94
N ASP K 159 27.82 -2.26 11.14
CA ASP K 159 26.71 -1.32 11.25
C ASP K 159 25.62 -1.68 10.25
N ASN K 160 24.49 -2.18 10.73
CA ASN K 160 23.45 -2.71 9.85
C ASN K 160 22.92 -1.72 8.84
N LYS K 161 23.17 -0.43 9.08
CA LYS K 161 22.73 0.59 8.13
C LYS K 161 23.63 0.55 6.91
N LEU K 162 24.90 0.18 7.08
CA LEU K 162 25.77 0.13 5.89
C LEU K 162 25.52 -1.17 5.12
N VAL K 163 25.45 -2.27 5.84
CA VAL K 163 25.25 -3.59 5.24
C VAL K 163 24.82 -4.58 6.31
N VAL K 164 24.04 -5.60 5.99
CA VAL K 164 23.56 -6.49 7.05
C VAL K 164 24.39 -7.77 7.12
N GLY K 165 24.24 -8.48 8.22
CA GLY K 165 24.73 -9.80 8.48
C GLY K 165 26.18 -9.93 8.88
N VAL K 166 26.98 -8.87 8.86
CA VAL K 166 28.39 -9.02 9.19
C VAL K 166 28.66 -8.68 10.64
N GLY K 167 28.57 -9.65 11.55
CA GLY K 167 28.81 -9.39 12.96
C GLY K 167 30.27 -9.37 13.35
N ASN K 168 30.57 -9.57 14.64
CA ASN K 168 31.93 -9.41 15.11
C ASN K 168 32.93 -10.36 14.46
N ILE K 169 32.50 -11.60 14.21
CA ILE K 169 33.46 -12.58 13.65
C ILE K 169 33.80 -12.26 12.22
N TYR K 170 32.79 -12.11 11.36
CA TYR K 170 33.06 -11.94 9.94
C TYR K 170 33.59 -10.57 9.61
N ALA K 171 33.37 -9.57 10.47
CA ALA K 171 34.01 -8.27 10.24
C ALA K 171 35.52 -8.43 10.28
N SER K 172 36.01 -9.10 11.32
CA SER K 172 37.45 -9.29 11.48
C SER K 172 38.03 -10.20 10.40
N GLU K 173 37.34 -11.30 10.13
CA GLU K 173 37.79 -12.26 9.11
C GLU K 173 37.86 -11.60 7.75
N SER K 174 36.83 -10.82 7.41
CA SER K 174 36.80 -10.17 6.10
C SER K 174 37.94 -9.20 5.91
N LEU K 175 38.29 -8.50 7.00
CA LEU K 175 39.35 -7.52 6.86
C LEU K 175 40.71 -8.20 6.70
N PHE K 176 40.91 -9.31 7.41
CA PHE K 176 42.14 -10.08 7.25
C PHE K 176 42.27 -10.49 5.80
N ALA K 177 41.24 -11.18 5.30
CA ALA K 177 41.20 -11.64 3.92
C ALA K 177 41.51 -10.52 2.93
N ALA K 178 41.19 -9.28 3.28
CA ALA K 178 41.35 -8.17 2.35
C ALA K 178 42.65 -7.44 2.59
N GLY K 179 43.38 -7.82 3.64
CA GLY K 179 44.66 -7.14 3.89
C GLY K 179 44.47 -5.75 4.43
N ILE K 180 43.34 -5.50 5.09
CA ILE K 180 43.12 -4.13 5.58
C ILE K 180 43.05 -4.08 7.10
N HIS K 181 43.88 -3.24 7.70
CA HIS K 181 43.90 -3.08 9.14
C HIS K 181 42.54 -2.60 9.65
N PRO K 182 41.97 -3.25 10.64
CA PRO K 182 40.65 -2.88 11.15
C PRO K 182 40.60 -1.46 11.71
N ASP K 183 41.70 -0.83 12.07
CA ASP K 183 41.73 0.53 12.58
C ASP K 183 41.82 1.57 11.47
N ARG K 184 41.93 1.16 10.22
CA ARG K 184 41.91 2.13 9.13
C ARG K 184 40.64 2.95 9.13
N LEU K 185 40.73 4.27 8.93
CA LEU K 185 39.51 5.06 8.79
C LEU K 185 38.77 4.59 7.55
N ALA K 186 37.46 4.34 7.65
CA ALA K 186 36.65 3.90 6.53
C ALA K 186 36.89 4.78 5.30
N SER K 187 36.94 6.08 5.53
CA SER K 187 36.99 7.06 4.46
C SER K 187 38.31 7.00 3.70
N SER K 188 39.30 6.34 4.28
CA SER K 188 40.62 6.28 3.69
C SER K 188 40.74 5.11 2.72
N LEU K 189 39.80 4.16 2.76
CA LEU K 189 39.93 3.06 1.79
C LEU K 189 39.75 3.61 0.38
N SER K 190 40.53 3.06 -0.56
CA SER K 190 40.38 3.48 -1.94
C SER K 190 39.22 2.72 -2.58
N LEU K 191 38.82 3.18 -3.76
CA LEU K 191 37.77 2.43 -4.47
C LEU K 191 38.20 0.99 -4.67
N ALA K 192 39.45 0.78 -5.07
CA ALA K 192 39.98 -0.56 -5.31
C ALA K 192 39.94 -1.42 -4.04
N GLU K 193 40.29 -0.78 -2.93
CA GLU K 193 40.19 -1.44 -1.64
C GLU K 193 38.74 -1.75 -1.30
N CYS K 194 37.85 -0.80 -1.63
CA CYS K 194 36.43 -1.01 -1.37
C CYS K 194 35.89 -2.13 -2.24
N GLU K 195 36.28 -2.11 -3.51
CA GLU K 195 35.89 -3.20 -4.41
C GLU K 195 36.37 -4.53 -3.88
N LEU K 196 37.61 -4.57 -3.38
CA LEU K 196 38.12 -5.83 -2.88
C LEU K 196 37.41 -6.26 -1.60
N LEU K 197 37.25 -5.32 -0.68
CA LEU K 197 36.61 -5.59 0.60
C LEU K 197 35.20 -6.16 0.43
N ALA K 198 34.41 -5.58 -0.46
CA ALA K 198 33.06 -6.13 -0.72
C ALA K 198 33.16 -7.53 -1.31
N ARG K 199 34.10 -7.74 -2.24
CA ARG K 199 34.22 -9.07 -2.84
C ARG K 199 34.65 -10.12 -1.83
N VAL K 200 35.63 -9.83 -0.97
CA VAL K 200 36.03 -10.82 0.02
C VAL K 200 34.94 -11.10 1.05
N ILE K 201 34.22 -10.05 1.45
CA ILE K 201 33.12 -10.24 2.40
C ILE K 201 32.15 -11.28 1.84
N LYS K 202 31.89 -11.13 0.53
CA LYS K 202 31.00 -12.08 -0.14
C LYS K 202 31.55 -13.48 -0.08
N ALA K 203 32.83 -13.64 -0.43
CA ALA K 203 33.44 -14.97 -0.45
C ALA K 203 33.49 -15.57 0.95
N VAL K 204 33.88 -14.74 1.91
CA VAL K 204 33.99 -15.25 3.28
C VAL K 204 32.66 -15.80 3.77
N LEU K 205 31.58 -15.04 3.55
CA LEU K 205 30.26 -15.48 4.02
C LEU K 205 29.84 -16.75 3.30
N LEU K 206 29.96 -16.76 1.97
CA LEU K 206 29.59 -17.95 1.21
C LEU K 206 30.41 -19.15 1.64
N ARG K 207 31.68 -18.94 1.95
CA ARG K 207 32.49 -20.04 2.49
C ARG K 207 31.87 -20.56 3.78
N SER K 208 31.60 -19.64 4.73
CA SER K 208 31.09 -20.10 6.02
C SER K 208 29.76 -20.80 5.85
N ILE K 209 28.92 -20.26 4.95
CA ILE K 209 27.64 -20.93 4.73
C ILE K 209 27.89 -22.34 4.23
N GLU K 210 28.82 -22.46 3.31
CA GLU K 210 29.20 -23.74 2.73
C GLU K 210 29.53 -24.78 3.78
N GLN K 211 30.13 -24.36 4.89
CA GLN K 211 30.59 -25.29 5.92
C GLN K 211 29.75 -25.24 7.18
N GLY K 212 28.52 -24.74 7.09
CA GLY K 212 27.59 -24.81 8.20
C GLY K 212 27.73 -23.72 9.23
N GLY K 213 28.45 -22.65 8.92
CA GLY K 213 28.57 -21.54 9.85
C GLY K 213 29.63 -21.77 10.90
N THR K 214 29.85 -20.77 11.75
CA THR K 214 30.80 -20.85 12.86
C THR K 214 30.08 -21.08 14.18
N THR K 215 30.56 -22.06 14.94
CA THR K 215 30.03 -22.37 16.25
C THR K 215 31.01 -21.95 17.34
N LEU K 216 30.58 -21.04 18.22
CA LEU K 216 31.40 -20.63 19.36
C LEU K 216 31.10 -21.47 20.60
N LYS K 225 24.58 -30.98 14.78
CA LYS K 225 25.99 -30.63 14.88
C LYS K 225 26.24 -29.20 14.39
N PRO K 226 27.28 -28.59 14.93
CA PRO K 226 27.65 -27.23 14.56
C PRO K 226 28.08 -27.14 13.09
N GLY K 227 28.75 -26.06 12.76
CA GLY K 227 29.42 -25.88 11.49
C GLY K 227 30.93 -26.01 11.69
N TYR K 228 31.65 -26.38 10.64
CA TYR K 228 33.09 -26.59 10.74
C TYR K 228 33.90 -25.36 10.30
N PHE K 229 33.26 -24.20 10.23
CA PHE K 229 33.99 -23.03 9.75
C PHE K 229 34.90 -22.43 10.82
N ALA K 230 34.65 -22.76 12.08
CA ALA K 230 35.54 -22.31 13.14
C ALA K 230 36.97 -22.77 12.92
N GLN K 231 37.15 -23.92 12.26
CA GLN K 231 38.53 -24.38 12.04
C GLN K 231 39.20 -23.55 10.95
N GLU K 232 38.36 -22.87 10.16
CA GLU K 232 38.88 -22.04 9.09
C GLU K 232 39.09 -20.60 9.52
N LEU K 233 38.81 -20.23 10.77
CA LEU K 233 39.00 -18.82 11.13
C LEU K 233 40.47 -18.42 11.09
N GLN K 234 40.76 -17.27 10.50
CA GLN K 234 42.13 -16.77 10.43
C GLN K 234 42.48 -15.90 11.62
N VAL K 235 41.51 -15.15 12.16
CA VAL K 235 41.84 -14.16 13.17
C VAL K 235 40.91 -14.15 14.38
N TYR K 236 39.61 -14.32 14.16
CA TYR K 236 38.68 -14.24 15.27
C TYR K 236 38.98 -15.27 16.34
N GLY K 237 39.07 -14.77 17.58
CA GLY K 237 39.30 -15.60 18.75
C GLY K 237 40.68 -16.23 18.76
N ARG K 238 41.64 -15.61 18.08
CA ARG K 238 42.96 -16.26 18.05
C ARG K 238 44.05 -15.31 18.55
N LYS K 239 43.71 -14.50 19.55
CA LYS K 239 44.66 -13.57 20.12
C LYS K 239 45.98 -14.25 20.47
N GLY K 240 47.09 -13.67 20.04
CA GLY K 240 48.41 -14.18 20.34
C GLY K 240 48.83 -15.35 19.49
N GLU K 241 47.88 -16.07 18.90
CA GLU K 241 48.28 -17.22 18.06
C GLU K 241 48.88 -16.75 16.75
N PRO K 242 49.71 -17.59 16.14
CA PRO K 242 50.45 -17.16 14.94
C PRO K 242 49.53 -17.06 13.72
N CYS K 243 49.69 -16.00 12.94
CA CYS K 243 48.93 -15.88 11.70
C CYS K 243 49.12 -17.11 10.81
N ARG K 244 48.03 -17.63 10.26
CA ARG K 244 48.07 -18.81 9.41
C ARG K 244 48.82 -18.58 8.10
N VAL K 245 49.10 -17.31 7.80
CA VAL K 245 49.84 -17.05 6.56
C VAL K 245 51.28 -16.65 6.83
N CYS K 246 51.54 -15.85 7.87
CA CYS K 246 52.91 -15.37 8.04
C CYS K 246 53.56 -15.67 9.39
N GLY K 247 52.84 -16.32 10.29
CA GLY K 247 53.40 -16.67 11.59
C GLY K 247 53.31 -15.61 12.66
N THR K 248 53.24 -14.32 12.34
CA THR K 248 53.17 -13.35 13.44
C THR K 248 51.91 -13.55 14.27
N PRO K 249 52.07 -13.63 15.59
CA PRO K 249 50.93 -13.83 16.47
C PRO K 249 49.87 -12.73 16.32
N ILE K 250 48.63 -13.16 16.17
CA ILE K 250 47.44 -12.34 16.01
C ILE K 250 47.27 -11.37 17.16
N VAL K 251 46.95 -10.13 16.81
CA VAL K 251 46.73 -9.09 17.80
C VAL K 251 45.25 -8.90 18.13
N ALA K 252 44.95 -8.57 19.38
CA ALA K 252 43.59 -8.26 19.77
C ALA K 252 43.44 -6.77 20.09
N THR K 253 42.32 -6.19 19.68
CA THR K 253 42.05 -4.79 20.02
C THR K 253 40.55 -4.66 20.23
N LYS K 254 40.03 -3.44 20.30
CA LYS K 254 38.61 -3.28 20.55
C LYS K 254 38.05 -2.04 19.83
N HIS K 255 36.82 -2.17 19.36
CA HIS K 255 36.05 -1.10 18.76
C HIS K 255 34.66 -1.10 19.37
N ALA K 256 34.23 0.02 19.95
CA ALA K 256 32.91 0.05 20.56
C ALA K 256 32.77 -1.06 21.61
N GLN K 257 33.88 -1.38 22.28
CA GLN K 257 33.92 -2.40 23.32
C GLN K 257 33.67 -3.80 22.77
N ARG K 258 33.72 -3.97 21.45
CA ARG K 258 33.64 -5.31 20.88
C ARG K 258 35.06 -5.73 20.48
N ALA K 259 35.45 -6.95 20.79
CA ALA K 259 36.80 -7.41 20.48
C ALA K 259 37.03 -7.47 18.97
N THR K 260 38.19 -6.99 18.53
CA THR K 260 38.54 -7.16 17.12
C THR K 260 39.96 -7.71 17.01
N PHE K 261 40.15 -8.57 16.02
CA PHE K 261 41.37 -9.33 15.89
C PHE K 261 41.98 -9.14 14.51
N TYR K 262 43.30 -9.02 14.48
CA TYR K 262 43.97 -8.92 13.19
C TYR K 262 45.45 -9.26 13.30
N CYS K 263 46.01 -9.28 12.09
CA CYS K 263 47.43 -9.56 11.92
C CYS K 263 48.15 -8.30 11.47
N ARG K 264 48.96 -7.73 12.37
CA ARG K 264 49.61 -6.46 12.11
C ARG K 264 50.56 -6.54 10.92
N GLN K 265 50.93 -7.75 10.50
CA GLN K 265 51.78 -7.91 9.34
C GLN K 265 51.00 -8.02 8.05
N CYS K 266 49.96 -8.87 8.05
CA CYS K 266 49.19 -9.00 6.81
C CYS K 266 48.20 -7.86 6.62
N GLN K 267 47.83 -7.12 7.67
CA GLN K 267 46.79 -6.09 7.50
C GLN K 267 47.36 -4.68 7.52
N LYS K 268 46.93 -3.89 6.54
CA LYS K 268 47.44 -2.57 6.25
C LYS K 268 46.35 -1.58 5.84
N PRO L 1 11.89 30.35 9.84
CA PRO L 1 10.45 30.03 9.80
C PRO L 1 10.12 28.76 10.58
N GLU L 2 9.25 28.92 11.57
CA GLU L 2 8.77 27.78 12.36
C GLU L 2 7.31 27.51 12.04
N LEU L 3 6.62 26.70 12.82
CA LEU L 3 5.25 26.30 12.46
C LEU L 3 4.35 27.50 12.18
N PRO L 4 4.24 28.45 13.09
CA PRO L 4 3.36 29.61 12.87
C PRO L 4 3.67 30.38 11.60
N GLU L 5 4.94 30.51 11.26
CA GLU L 5 5.33 31.29 10.09
C GLU L 5 4.96 30.51 8.83
N VAL L 6 5.28 29.22 8.84
CA VAL L 6 4.97 28.34 7.72
C VAL L 6 3.46 28.17 7.59
N GLU L 7 2.76 28.15 8.72
CA GLU L 7 1.31 27.98 8.65
C GLU L 7 0.66 29.22 8.06
N THR L 8 1.26 30.36 8.40
CA THR L 8 0.76 31.63 7.88
C THR L 8 1.00 31.67 6.38
N SER L 9 2.17 31.27 5.90
CA SER L 9 2.42 31.19 4.46
C SER L 9 1.40 30.26 3.80
N ARG L 10 1.08 29.16 4.50
CA ARG L 10 0.12 28.21 3.94
C ARG L 10 -1.23 28.89 3.76
N ARG L 11 -1.65 29.62 4.80
CA ARG L 11 -2.94 30.28 4.77
C ARG L 11 -3.00 31.38 3.72
N GLY L 12 -1.90 32.09 3.55
CA GLY L 12 -1.88 33.22 2.62
C GLY L 12 -1.84 32.79 1.17
N ILE L 13 -1.21 31.65 0.89
CA ILE L 13 -1.11 31.25 -0.50
C ILE L 13 -2.33 30.42 -0.93
N GLU L 14 -2.92 29.70 0.02
CA GLU L 14 -4.05 28.83 -0.24
C GLU L 14 -5.10 29.44 -1.15
N PRO L 15 -5.61 30.63 -0.84
CA PRO L 15 -6.69 31.17 -1.69
C PRO L 15 -6.22 31.44 -3.10
N HIS L 16 -4.92 31.64 -3.29
CA HIS L 16 -4.44 32.03 -4.62
C HIS L 16 -4.00 30.84 -5.44
N LEU L 17 -3.88 29.66 -4.81
CA LEU L 17 -3.35 28.54 -5.59
C LEU L 17 -4.42 27.50 -5.87
N VAL L 18 -5.23 27.23 -4.84
CA VAL L 18 -6.23 26.17 -5.01
C VAL L 18 -7.17 26.53 -6.15
N GLY L 19 -7.44 25.60 -7.06
CA GLY L 19 -8.37 25.90 -8.15
C GLY L 19 -7.72 26.72 -9.24
N ALA L 20 -6.40 26.87 -9.14
CA ALA L 20 -5.63 27.49 -10.21
C ALA L 20 -4.77 26.41 -10.84
N THR L 21 -4.14 26.73 -11.97
CA THR L 21 -3.29 25.72 -12.59
C THR L 21 -1.86 26.23 -12.73
N ILE L 22 -0.91 25.33 -12.46
CA ILE L 22 0.48 25.69 -12.68
C ILE L 22 0.81 25.52 -14.16
N LEU L 23 0.96 26.65 -14.86
CA LEU L 23 1.33 26.54 -16.27
C LEU L 23 2.69 25.89 -16.38
N HIS L 24 3.64 26.43 -15.60
CA HIS L 24 4.99 25.89 -15.59
C HIS L 24 5.83 26.49 -14.48
N ALA L 25 7.00 25.91 -14.27
CA ALA L 25 7.91 26.38 -13.23
C ALA L 25 9.08 27.15 -13.83
N VAL L 26 9.51 28.18 -13.13
CA VAL L 26 10.74 28.87 -13.45
C VAL L 26 11.78 28.60 -12.36
N VAL L 27 12.72 27.71 -12.66
CA VAL L 27 13.79 27.42 -11.69
C VAL L 27 15.07 28.15 -12.07
N ARG L 28 15.43 29.15 -11.28
CA ARG L 28 16.56 30.01 -11.59
C ARG L 28 17.81 29.63 -10.79
N ASN L 29 17.61 28.78 -9.79
CA ASN L 29 18.70 28.16 -9.06
C ASN L 29 18.22 26.81 -8.52
N GLY L 30 18.79 25.73 -9.04
CA GLY L 30 18.35 24.41 -8.62
C GLY L 30 19.22 23.88 -7.49
N ARG L 31 20.05 24.74 -6.89
CA ARG L 31 20.97 24.21 -5.87
C ARG L 31 20.53 24.59 -4.47
N LEU L 32 19.43 24.03 -3.99
CA LEU L 32 18.89 24.31 -2.65
C LEU L 32 19.45 23.33 -1.63
N ARG L 33 18.74 23.05 -0.55
CA ARG L 33 19.22 22.08 0.44
C ARG L 33 19.55 20.76 -0.26
N TRP L 34 18.62 20.35 -1.10
CA TRP L 34 18.82 19.32 -2.10
C TRP L 34 18.66 19.92 -3.49
N PRO L 35 19.05 19.21 -4.53
CA PRO L 35 18.79 19.70 -5.89
C PRO L 35 17.29 19.82 -6.08
N VAL L 36 16.80 20.82 -6.81
CA VAL L 36 15.36 20.86 -7.09
C VAL L 36 14.97 19.64 -7.90
N SER L 37 13.87 18.94 -7.58
CA SER L 37 13.55 17.70 -8.29
C SER L 37 13.37 17.94 -9.79
N GLU L 38 13.77 16.98 -10.61
CA GLU L 38 13.58 17.08 -12.07
C GLU L 38 12.11 17.39 -12.37
N GLU L 39 11.20 16.66 -11.72
CA GLU L 39 9.78 16.89 -11.95
C GLU L 39 9.39 18.35 -11.72
N ILE L 40 10.14 19.06 -10.85
CA ILE L 40 9.75 20.44 -10.60
C ILE L 40 10.05 21.28 -11.84
N TYR L 41 11.20 20.97 -12.45
CA TYR L 41 11.54 21.64 -13.70
C TYR L 41 10.49 21.41 -14.79
N ARG L 42 10.01 20.18 -14.90
CA ARG L 42 9.13 19.78 -15.99
C ARG L 42 7.64 20.05 -15.77
N LEU L 43 7.26 20.69 -14.67
CA LEU L 43 5.86 20.90 -14.36
C LEU L 43 5.09 21.53 -15.53
N SER L 44 3.93 20.97 -15.86
CA SER L 44 3.19 21.48 -17.00
C SER L 44 1.68 21.39 -16.83
N ASP L 45 1.02 22.54 -16.76
CA ASP L 45 -0.43 22.61 -16.62
C ASP L 45 -0.97 21.69 -15.53
N GLN L 46 -0.44 21.88 -14.32
CA GLN L 46 -0.84 21.06 -13.18
C GLN L 46 -1.78 21.81 -12.25
N PRO L 47 -3.00 21.34 -12.11
CA PRO L 47 -3.93 21.99 -11.18
C PRO L 47 -3.52 21.74 -9.72
N VAL L 48 -3.64 22.77 -8.89
CA VAL L 48 -3.38 22.62 -7.47
C VAL L 48 -4.70 22.31 -6.76
N LEU L 49 -4.79 21.18 -6.07
CA LEU L 49 -6.03 20.73 -5.46
C LEU L 49 -6.17 21.17 -4.02
N SER L 50 -5.04 21.48 -3.40
CA SER L 50 -4.98 21.73 -1.97
C SER L 50 -3.57 22.19 -1.60
N VAL L 51 -3.49 22.99 -0.55
CA VAL L 51 -2.20 23.43 -0.01
C VAL L 51 -2.13 23.06 1.47
N GLN L 52 -1.34 22.07 1.84
CA GLN L 52 -1.32 21.63 3.24
C GLN L 52 0.02 21.92 3.90
N ARG L 53 0.11 21.65 5.19
CA ARG L 53 1.38 21.74 5.90
C ARG L 53 1.60 20.46 6.73
N ARG L 54 2.83 20.01 6.78
CA ARG L 54 3.25 18.97 7.71
C ARG L 54 4.55 19.42 8.38
N ALA L 55 4.56 19.62 9.68
CA ALA L 55 5.80 20.12 10.29
C ALA L 55 6.14 21.48 9.70
N LYS L 56 7.35 21.66 9.15
CA LYS L 56 7.61 23.00 8.54
C LYS L 56 7.64 22.90 7.02
N TYR L 57 7.03 21.87 6.45
CA TYR L 57 6.92 21.66 5.03
C TYR L 57 5.56 22.09 4.47
N LEU L 58 5.57 22.81 3.35
CA LEU L 58 4.32 23.08 2.64
C LEU L 58 4.08 21.98 1.59
N LEU L 59 2.82 21.66 1.34
CA LEU L 59 2.46 20.57 0.43
C LEU L 59 1.40 21.00 -0.57
N LEU L 60 1.79 21.05 -1.85
CA LEU L 60 0.83 21.35 -2.91
C LEU L 60 0.35 20.03 -3.53
N GLU L 61 -0.95 19.79 -3.37
CA GLU L 61 -1.55 18.55 -3.83
C GLU L 61 -1.91 18.61 -5.32
N LEU L 62 -1.22 17.81 -6.11
CA LEU L 62 -1.49 17.71 -7.55
C LEU L 62 -2.22 16.40 -7.86
N PRO L 63 -2.81 16.25 -9.03
CA PRO L 63 -3.51 14.99 -9.37
C PRO L 63 -2.63 13.75 -9.25
N GLU L 64 -1.38 13.81 -9.69
CA GLU L 64 -0.55 12.60 -9.63
C GLU L 64 0.66 12.75 -8.73
N GLY L 65 0.70 13.79 -7.91
CA GLY L 65 1.79 13.89 -6.95
C GLY L 65 1.69 15.09 -6.04
N TRP L 66 2.78 15.34 -5.33
CA TRP L 66 2.83 16.44 -4.39
C TRP L 66 4.13 17.24 -4.53
N ILE L 67 3.98 18.55 -4.58
CA ILE L 67 5.15 19.42 -4.50
C ILE L 67 5.43 19.75 -3.04
N ILE L 68 6.65 19.46 -2.61
CA ILE L 68 7.10 19.71 -1.24
C ILE L 68 8.02 20.92 -1.17
N ILE L 69 7.63 21.92 -0.38
CA ILE L 69 8.39 23.14 -0.26
C ILE L 69 8.85 23.35 1.18
N HIS L 70 10.12 23.70 1.36
CA HIS L 70 10.66 24.02 2.68
C HIS L 70 11.39 25.36 2.60
N LEU L 71 11.35 26.17 3.65
CA LEU L 71 11.97 27.49 3.63
C LEU L 71 13.36 27.50 4.22
N GLY L 72 13.79 26.42 4.89
CA GLY L 72 15.14 26.45 5.46
C GLY L 72 15.27 27.58 6.47
N MET L 73 16.38 28.29 6.49
CA MET L 73 16.57 29.36 7.46
C MET L 73 16.16 30.73 6.92
N SER L 74 16.17 30.92 5.60
CA SER L 74 15.92 32.28 5.10
C SER L 74 14.98 32.32 3.91
N GLY L 75 14.17 31.27 3.70
CA GLY L 75 13.29 31.28 2.54
C GLY L 75 11.96 31.94 2.84
N SER L 76 11.25 32.42 1.80
CA SER L 76 9.92 32.97 1.95
C SER L 76 9.13 32.83 0.64
N LEU L 77 7.82 32.96 0.75
CA LEU L 77 6.89 32.83 -0.35
C LEU L 77 6.03 34.08 -0.46
N ARG L 78 5.77 34.53 -1.68
CA ARG L 78 4.94 35.67 -1.99
C ARG L 78 3.99 35.34 -3.15
N ILE L 79 2.79 35.91 -3.16
CA ILE L 79 1.95 35.81 -4.34
C ILE L 79 2.14 37.06 -5.18
N LEU L 80 2.61 36.93 -6.42
CA LEU L 80 2.77 38.11 -7.27
C LEU L 80 1.55 38.30 -8.18
N PRO L 81 1.14 39.54 -8.38
CA PRO L 81 -0.01 39.84 -9.23
C PRO L 81 0.24 39.45 -10.69
N GLU L 82 1.49 39.67 -11.11
CA GLU L 82 1.95 39.38 -12.44
C GLU L 82 3.40 38.90 -12.42
N GLU L 83 3.91 38.46 -13.56
CA GLU L 83 5.29 38.01 -13.67
C GLU L 83 6.27 39.18 -13.63
N LEU L 84 6.72 39.52 -12.42
CA LEU L 84 7.72 40.57 -12.23
C LEU L 84 9.11 39.99 -12.48
N PRO L 85 10.05 40.79 -12.96
CA PRO L 85 11.43 40.29 -13.09
C PRO L 85 11.95 39.84 -11.73
N PRO L 86 12.83 38.86 -11.72
CA PRO L 86 13.31 38.31 -10.46
C PRO L 86 14.45 39.12 -9.84
N GLU L 87 14.54 39.06 -8.51
CA GLU L 87 15.68 39.57 -7.78
C GLU L 87 16.72 38.45 -7.62
N LYS L 88 17.91 38.82 -7.18
CA LYS L 88 19.02 37.87 -7.20
C LYS L 88 18.72 36.58 -6.45
N HIS L 89 17.81 36.58 -5.49
CA HIS L 89 17.62 35.37 -4.69
C HIS L 89 16.24 34.77 -4.92
N ASP L 90 15.59 35.25 -5.99
CA ASP L 90 14.27 34.71 -6.36
C ASP L 90 14.46 33.46 -7.19
N HIS L 91 14.69 32.33 -6.53
CA HIS L 91 15.15 31.10 -7.17
C HIS L 91 14.06 30.28 -7.83
N VAL L 92 12.82 30.33 -7.36
CA VAL L 92 11.78 29.54 -8.03
C VAL L 92 10.46 30.29 -8.06
N ASP L 93 9.86 30.28 -9.26
CA ASP L 93 8.53 30.83 -9.48
C ASP L 93 7.59 29.74 -9.98
N LEU L 94 6.32 29.83 -9.56
CA LEU L 94 5.29 28.97 -10.13
C LEU L 94 4.27 29.86 -10.84
N VAL L 95 4.27 29.84 -12.17
CA VAL L 95 3.35 30.72 -12.90
C VAL L 95 2.00 30.04 -13.11
N MET L 96 0.97 30.60 -12.49
CA MET L 96 -0.39 30.11 -12.47
C MET L 96 -1.24 30.56 -13.65
N SER L 97 -2.28 29.78 -13.92
CA SER L 97 -3.23 30.07 -14.97
C SER L 97 -3.99 31.37 -14.73
N ASN L 98 -4.14 31.76 -13.46
CA ASN L 98 -4.87 32.99 -13.17
C ASN L 98 -3.97 34.21 -13.24
N GLY L 99 -2.82 34.05 -13.92
CA GLY L 99 -1.87 35.12 -14.08
C GLY L 99 -1.12 35.46 -12.81
N LYS L 100 -1.48 34.83 -11.68
CA LYS L 100 -0.69 35.11 -10.48
C LYS L 100 0.57 34.27 -10.49
N VAL L 101 1.52 34.65 -9.64
CA VAL L 101 2.79 33.94 -9.60
C VAL L 101 3.20 33.68 -8.14
N LEU L 102 3.64 32.46 -7.89
CA LEU L 102 4.17 32.10 -6.58
C LEU L 102 5.69 32.22 -6.62
N ARG L 103 6.24 33.20 -5.92
CA ARG L 103 7.68 33.46 -5.91
C ARG L 103 8.36 33.04 -4.60
N TYR L 104 9.37 32.20 -4.74
CA TYR L 104 10.22 31.68 -3.67
C TYR L 104 11.56 32.41 -3.66
N THR L 105 11.91 32.98 -2.51
CA THR L 105 13.15 33.72 -2.30
C THR L 105 13.96 33.08 -1.19
N ASP L 106 15.26 32.84 -1.41
CA ASP L 106 16.01 32.12 -0.38
C ASP L 106 17.51 32.37 -0.53
N PRO L 107 17.97 33.42 0.16
CA PRO L 107 19.36 33.83 0.05
C PRO L 107 20.34 32.75 0.47
N ARG L 108 20.18 32.17 1.66
CA ARG L 108 21.10 31.15 2.11
C ARG L 108 20.90 29.85 1.34
N ARG L 109 19.71 29.68 0.78
CA ARG L 109 19.32 28.51 0.01
C ARG L 109 19.32 27.23 0.82
N PHE L 110 18.80 27.29 2.05
CA PHE L 110 18.71 26.11 2.90
C PHE L 110 17.33 25.45 2.76
N GLY L 111 16.46 26.06 1.96
CA GLY L 111 15.14 25.50 1.70
C GLY L 111 15.20 24.35 0.71
N ALA L 112 14.05 23.92 0.20
CA ALA L 112 14.01 22.84 -0.78
C ALA L 112 12.72 22.85 -1.59
N TRP L 113 12.85 22.42 -2.83
CA TRP L 113 11.75 22.22 -3.75
C TRP L 113 11.82 20.78 -4.26
N LEU L 114 10.87 19.97 -3.79
CA LEU L 114 10.90 18.54 -4.08
C LEU L 114 9.53 18.05 -4.53
N TRP L 115 9.56 16.95 -5.28
CA TRP L 115 8.38 16.28 -5.81
C TRP L 115 8.30 14.86 -5.26
N THR L 116 7.11 14.43 -4.87
CA THR L 116 6.90 13.03 -4.52
C THR L 116 5.56 12.54 -5.06
N LYS L 117 5.54 11.29 -5.51
CA LYS L 117 4.32 10.63 -5.96
C LYS L 117 3.37 10.44 -4.78
N GLU L 118 3.89 9.87 -3.71
CA GLU L 118 3.14 9.67 -2.48
C GLU L 118 3.80 10.41 -1.31
N LEU L 119 2.98 11.03 -0.49
CA LEU L 119 3.50 11.67 0.73
C LEU L 119 3.99 10.58 1.68
N GLU L 120 3.21 9.50 1.69
CA GLU L 120 3.52 8.28 2.42
C GLU L 120 4.81 7.64 1.93
N GLY L 121 5.38 6.76 2.75
CA GLY L 121 6.58 6.02 2.34
C GLY L 121 7.79 6.37 3.17
N HIS L 122 8.59 7.26 2.63
CA HIS L 122 9.76 7.70 3.36
C HIS L 122 9.80 9.22 3.37
N ASN L 123 10.62 9.77 2.51
CA ASN L 123 10.70 11.23 2.42
C ASN L 123 11.30 11.90 3.62
N VAL L 124 11.25 13.19 3.50
CA VAL L 124 11.65 14.14 4.50
C VAL L 124 10.53 14.20 5.52
N LEU L 125 9.45 13.45 5.27
CA LEU L 125 8.30 13.46 6.17
C LEU L 125 8.28 12.25 7.09
N THR L 126 8.98 11.19 6.69
CA THR L 126 8.95 9.90 7.36
C THR L 126 9.09 9.97 8.88
N HIS L 127 10.19 10.21 9.57
CA HIS L 127 10.05 9.90 11.00
C HIS L 127 9.82 11.18 11.80
N LEU L 128 9.00 12.06 11.22
CA LEU L 128 8.67 13.32 11.88
C LEU L 128 7.75 13.08 13.07
N GLY L 129 8.00 13.76 14.19
CA GLY L 129 7.18 13.63 15.37
C GLY L 129 5.77 14.18 15.18
N PRO L 130 4.93 14.03 16.20
CA PRO L 130 3.55 14.51 16.12
C PRO L 130 3.43 16.02 15.98
N GLU L 131 2.33 16.45 15.38
CA GLU L 131 1.99 17.86 15.30
C GLU L 131 1.71 18.37 16.72
N PRO L 132 2.32 19.48 17.10
CA PRO L 132 2.17 19.99 18.47
C PRO L 132 0.74 20.44 18.76
N LEU L 133 0.01 20.89 17.74
CA LEU L 133 -1.35 21.36 17.98
C LEU L 133 -2.36 20.21 18.00
N SER L 134 -1.91 19.00 17.72
CA SER L 134 -2.79 17.84 17.75
C SER L 134 -2.88 17.25 19.15
N ASP L 135 -3.91 16.45 19.40
CA ASP L 135 -4.11 15.83 20.71
C ASP L 135 -3.08 14.73 20.93
N ASP L 136 -2.45 14.30 19.84
CA ASP L 136 -1.35 13.37 19.89
C ASP L 136 -0.17 13.94 20.67
N PHE L 137 -0.05 15.27 20.65
CA PHE L 137 1.00 15.88 21.48
C PHE L 137 0.43 16.24 22.85
N ASN L 138 0.84 15.50 23.89
CA ASN L 138 0.31 15.89 25.21
C ASN L 138 1.32 15.62 26.31
N GLY L 139 0.95 15.96 27.54
CA GLY L 139 1.83 15.90 28.68
C GLY L 139 2.27 14.49 29.02
N GLU L 140 1.32 13.57 28.97
CA GLU L 140 1.67 12.17 29.21
C GLU L 140 2.67 11.69 28.16
N TYR L 141 2.45 12.07 26.91
CA TYR L 141 3.36 11.68 25.84
C TYR L 141 4.76 12.23 26.11
N LEU L 142 4.75 13.54 26.41
CA LEU L 142 5.97 14.28 26.67
C LEU L 142 6.70 13.67 27.85
N HIS L 143 5.95 13.41 28.93
CA HIS L 143 6.56 12.83 30.12
C HIS L 143 7.21 11.50 29.78
N GLN L 144 6.47 10.68 29.05
CA GLN L 144 6.91 9.38 28.53
C GLN L 144 8.19 9.51 27.71
N LYS L 145 8.20 10.45 26.77
CA LYS L 145 9.33 10.61 25.86
C LYS L 145 10.55 11.21 26.55
N CYS L 146 10.37 11.86 27.70
CA CYS L 146 11.53 12.46 28.35
C CYS L 146 12.27 11.51 29.28
N ALA L 147 11.58 10.45 29.70
CA ALA L 147 12.07 9.57 30.74
C ALA L 147 13.49 9.10 30.51
N LYS L 148 13.87 8.82 29.26
CA LYS L 148 15.23 8.28 29.11
C LYS L 148 16.20 9.33 28.61
N LYS L 149 15.73 10.57 28.45
CA LYS L 149 16.67 11.59 27.97
C LYS L 149 17.71 11.93 29.03
N LYS L 150 18.89 12.37 28.60
CA LYS L 150 19.96 12.71 29.53
C LYS L 150 20.40 14.15 29.36
N THR L 151 19.67 14.90 28.55
CA THR L 151 20.11 16.26 28.23
C THR L 151 19.04 17.29 28.56
N ALA L 152 19.25 18.55 28.20
CA ALA L 152 18.38 19.68 28.54
C ALA L 152 17.07 19.70 27.76
N ILE L 153 16.04 20.31 28.35
CA ILE L 153 14.72 20.29 27.75
C ILE L 153 14.61 21.16 26.51
N LYS L 154 15.32 22.28 26.48
CA LYS L 154 15.20 23.20 25.36
C LYS L 154 15.60 22.58 24.03
N PRO L 155 16.78 21.98 23.88
CA PRO L 155 17.11 21.40 22.56
C PRO L 155 16.20 20.22 22.22
N TRP L 156 15.68 19.53 23.23
CA TRP L 156 14.76 18.41 23.04
C TRP L 156 13.46 18.86 22.40
N LEU L 157 12.97 20.04 22.78
CA LEU L 157 11.76 20.58 22.16
C LEU L 157 12.03 20.89 20.68
N MET L 158 13.29 21.17 20.36
CA MET L 158 13.64 21.49 18.97
C MET L 158 13.97 20.25 18.16
N ASP L 159 13.71 19.07 18.71
CA ASP L 159 14.03 17.82 18.03
C ASP L 159 12.76 17.28 17.38
N ASN L 160 12.70 17.27 16.06
CA ASN L 160 11.51 16.86 15.31
C ASN L 160 11.08 15.44 15.60
N LYS L 161 11.97 14.63 16.21
CA LYS L 161 11.52 13.29 16.59
C LYS L 161 10.55 13.38 17.78
N LEU L 162 10.70 14.41 18.62
CA LEU L 162 9.80 14.49 19.78
C LEU L 162 8.48 15.15 19.40
N VAL L 163 8.58 16.23 18.64
CA VAL L 163 7.43 17.03 18.21
C VAL L 163 7.88 17.98 17.11
N VAL L 164 7.05 18.28 16.12
CA VAL L 164 7.52 19.15 15.05
C VAL L 164 7.07 20.60 15.25
N GLY L 165 7.71 21.48 14.49
CA GLY L 165 7.32 22.87 14.36
C GLY L 165 7.90 23.80 15.39
N VAL L 166 8.45 23.28 16.48
CA VAL L 166 8.93 24.19 17.54
C VAL L 166 10.41 24.47 17.38
N GLY L 167 10.76 25.60 16.74
CA GLY L 167 12.15 25.93 16.52
C GLY L 167 12.75 26.82 17.60
N ASN L 168 13.85 27.50 17.26
CA ASN L 168 14.60 28.25 18.26
C ASN L 168 13.78 29.33 18.96
N ILE L 169 12.87 29.97 18.26
CA ILE L 169 12.07 31.00 18.91
C ILE L 169 11.04 30.42 19.85
N TYR L 170 10.21 29.50 19.35
CA TYR L 170 9.10 29.02 20.19
C TYR L 170 9.56 28.02 21.23
N ALA L 171 10.75 27.43 21.08
CA ALA L 171 11.27 26.64 22.20
C ALA L 171 11.54 27.57 23.38
N SER L 172 12.25 28.67 23.16
CA SER L 172 12.54 29.61 24.24
C SER L 172 11.27 30.28 24.78
N GLU L 173 10.41 30.72 23.87
CA GLU L 173 9.19 31.41 24.26
C GLU L 173 8.28 30.52 25.08
N SER L 174 8.20 29.24 24.71
CA SER L 174 7.34 28.30 25.43
C SER L 174 7.88 28.01 26.82
N LEU L 175 9.19 27.82 26.94
CA LEU L 175 9.75 27.46 28.23
C LEU L 175 9.59 28.61 29.23
N PHE L 176 9.72 29.84 28.75
CA PHE L 176 9.44 30.99 29.59
C PHE L 176 7.98 30.92 30.08
N ALA L 177 7.06 30.78 29.13
CA ALA L 177 5.64 30.74 29.46
C ALA L 177 5.33 29.65 30.46
N ALA L 178 6.13 28.58 30.45
CA ALA L 178 5.86 27.49 31.37
C ALA L 178 6.58 27.69 32.69
N GLY L 179 7.46 28.68 32.77
CA GLY L 179 8.20 28.88 34.01
C GLY L 179 9.29 27.85 34.21
N ILE L 180 9.77 27.23 33.13
CA ILE L 180 10.75 26.15 33.23
C ILE L 180 12.10 26.55 32.67
N HIS L 181 13.15 26.39 33.46
CA HIS L 181 14.51 26.72 33.03
C HIS L 181 14.89 25.92 31.79
N PRO L 182 15.45 26.54 30.75
CA PRO L 182 15.83 25.77 29.56
C PRO L 182 16.93 24.74 29.81
N ASP L 183 17.74 24.88 30.84
CA ASP L 183 18.81 23.95 31.16
C ASP L 183 18.32 22.77 31.99
N ARG L 184 17.07 22.77 32.44
CA ARG L 184 16.58 21.64 33.21
C ARG L 184 16.73 20.34 32.42
N LEU L 185 17.21 19.29 33.08
CA LEU L 185 17.16 17.98 32.44
C LEU L 185 15.72 17.65 32.05
N ALA L 186 15.50 17.24 30.81
CA ALA L 186 14.21 16.80 30.31
C ALA L 186 13.55 15.79 31.25
N SER L 187 14.39 14.87 31.73
CA SER L 187 13.89 13.78 32.56
C SER L 187 13.46 14.27 33.93
N SER L 188 13.91 15.46 34.31
CA SER L 188 13.64 16.01 35.62
C SER L 188 12.28 16.71 35.68
N LEU L 189 11.62 16.87 34.54
CA LEU L 189 10.30 17.50 34.62
C LEU L 189 9.28 16.50 35.15
N SER L 190 8.29 16.98 35.90
CA SER L 190 7.23 16.14 36.40
C SER L 190 6.10 16.04 35.38
N LEU L 191 5.19 15.10 35.63
CA LEU L 191 4.00 14.98 34.79
C LEU L 191 3.28 16.32 34.75
N ALA L 192 3.21 16.97 35.92
CA ALA L 192 2.51 18.26 35.97
C ALA L 192 3.19 19.28 35.08
N GLU L 193 4.52 19.33 35.20
CA GLU L 193 5.29 20.27 34.39
C GLU L 193 5.15 19.96 32.91
N CYS L 194 5.12 18.66 32.60
CA CYS L 194 5.02 18.24 31.21
C CYS L 194 3.68 18.64 30.62
N GLU L 195 2.62 18.44 31.41
CA GLU L 195 1.29 18.82 30.97
C GLU L 195 1.20 20.34 30.85
N LEU L 196 1.84 21.08 31.75
CA LEU L 196 1.86 22.52 31.62
C LEU L 196 2.66 22.92 30.37
N LEU L 197 3.79 22.24 30.13
CA LEU L 197 4.59 22.61 28.96
C LEU L 197 3.85 22.31 27.67
N ALA L 198 3.26 21.12 27.53
CA ALA L 198 2.55 20.80 26.28
C ALA L 198 1.48 21.85 26.00
N ARG L 199 0.72 22.22 27.03
CA ARG L 199 -0.35 23.19 26.89
C ARG L 199 0.15 24.57 26.49
N VAL L 200 1.24 25.05 27.11
CA VAL L 200 1.66 26.42 26.73
C VAL L 200 2.24 26.45 25.32
N ILE L 201 2.92 25.37 24.95
CA ILE L 201 3.44 25.28 23.58
C ILE L 201 2.28 25.50 22.59
N LYS L 202 1.19 24.74 22.76
CA LYS L 202 0.02 24.95 21.91
C LYS L 202 -0.45 26.39 21.95
N ALA L 203 -0.57 26.94 23.15
CA ALA L 203 -1.06 28.31 23.31
C ALA L 203 -0.16 29.31 22.61
N VAL L 204 1.14 29.19 22.85
CA VAL L 204 2.09 30.06 22.16
C VAL L 204 1.97 29.94 20.65
N LEU L 205 1.96 28.72 20.13
CA LEU L 205 1.90 28.57 18.68
C LEU L 205 0.59 29.10 18.10
N LEU L 206 -0.53 28.84 18.78
CA LEU L 206 -1.81 29.36 18.28
C LEU L 206 -1.84 30.88 18.31
N ARG L 207 -1.31 31.47 19.38
CA ARG L 207 -1.24 32.94 19.44
C ARG L 207 -0.45 33.47 18.25
N SER L 208 0.74 32.91 18.05
CA SER L 208 1.58 33.44 16.96
C SER L 208 0.89 33.27 15.62
N ILE L 209 0.19 32.15 15.41
CA ILE L 209 -0.52 32.00 14.15
C ILE L 209 -1.55 33.12 14.01
N GLU L 210 -2.31 33.34 15.07
CA GLU L 210 -3.34 34.37 15.10
C GLU L 210 -2.82 35.73 14.70
N GLN L 211 -1.55 36.02 14.97
CA GLN L 211 -0.96 37.31 14.66
C GLN L 211 0.00 37.26 13.47
N GLY L 212 -0.01 36.19 12.69
CA GLY L 212 0.75 36.15 11.45
C GLY L 212 2.18 35.74 11.60
N GLY L 213 2.55 35.19 12.77
CA GLY L 213 3.90 34.70 12.95
C GLY L 213 4.85 35.80 13.37
N THR L 214 6.14 35.49 13.42
CA THR L 214 7.15 36.44 13.90
C THR L 214 8.04 36.89 12.76
N THR L 215 8.10 38.22 12.55
CA THR L 215 8.92 38.71 11.45
C THR L 215 10.21 39.33 11.97
N LEU L 216 11.32 38.64 11.71
CA LEU L 216 12.62 39.09 12.21
C LEU L 216 13.41 39.77 11.09
N LYS L 225 1.74 42.04 4.31
CA LYS L 225 2.30 42.56 5.56
C LYS L 225 3.08 41.49 6.31
N PRO L 226 4.01 41.94 7.15
CA PRO L 226 4.77 41.04 8.01
C PRO L 226 3.88 40.46 9.11
N GLY L 227 4.52 39.86 10.12
CA GLY L 227 3.81 39.32 11.27
C GLY L 227 4.04 40.18 12.50
N TYR L 228 3.02 40.35 13.33
CA TYR L 228 3.12 41.22 14.49
C TYR L 228 3.36 40.44 15.79
N PHE L 229 3.74 39.17 15.72
CA PHE L 229 3.93 38.42 16.96
C PHE L 229 5.26 38.77 17.62
N ALA L 230 6.22 39.27 16.85
CA ALA L 230 7.51 39.61 17.43
C ALA L 230 7.36 40.59 18.57
N GLN L 231 6.31 41.43 18.53
CA GLN L 231 6.14 42.40 19.62
C GLN L 231 5.73 41.69 20.91
N GLU L 232 5.17 40.48 20.77
CA GLU L 232 4.78 39.73 21.96
C GLU L 232 5.85 38.77 22.41
N LEU L 233 7.07 38.88 21.87
CA LEU L 233 8.13 37.99 22.37
C LEU L 233 8.54 38.37 23.79
N GLN L 234 8.64 37.37 24.66
CA GLN L 234 9.02 37.61 26.05
C GLN L 234 10.52 37.52 26.26
N VAL L 235 11.19 36.60 25.58
CA VAL L 235 12.61 36.38 25.85
C VAL L 235 13.48 36.28 24.60
N TYR L 236 12.96 35.71 23.50
CA TYR L 236 13.80 35.56 22.32
C TYR L 236 14.36 36.90 21.84
N GLY L 237 15.67 36.95 21.65
CA GLY L 237 16.35 38.13 21.14
C GLY L 237 16.32 39.31 22.08
N ARG L 238 16.05 39.11 23.36
CA ARG L 238 15.97 40.26 24.24
C ARG L 238 17.05 40.23 25.32
N LYS L 239 18.18 39.63 25.01
CA LYS L 239 19.28 39.55 25.97
C LYS L 239 19.61 40.91 26.58
N GLY L 240 19.76 40.94 27.90
CA GLY L 240 20.04 42.18 28.61
C GLY L 240 18.79 42.97 28.96
N GLU L 241 17.75 42.85 28.16
CA GLU L 241 16.53 43.62 28.39
C GLU L 241 15.79 43.10 29.61
N PRO L 242 14.95 43.94 30.22
CA PRO L 242 14.21 43.51 31.41
C PRO L 242 13.10 42.53 31.08
N CYS L 243 13.01 41.46 31.88
CA CYS L 243 11.93 40.51 31.78
C CYS L 243 10.59 41.25 31.85
N ARG L 244 9.74 41.00 30.85
CA ARG L 244 8.45 41.68 30.77
C ARG L 244 7.57 41.37 31.98
N VAL L 245 7.87 40.29 32.71
CA VAL L 245 7.06 40.00 33.88
C VAL L 245 7.68 40.55 35.15
N CYS L 246 8.98 40.38 35.33
CA CYS L 246 9.58 40.74 36.61
C CYS L 246 10.71 41.76 36.52
N GLY L 247 11.03 42.24 35.32
CA GLY L 247 12.07 43.23 35.16
C GLY L 247 13.49 42.70 35.19
N THR L 248 13.75 41.48 35.65
CA THR L 248 15.12 40.97 35.62
C THR L 248 15.64 40.93 34.19
N PRO L 249 16.85 41.43 33.98
CA PRO L 249 17.48 41.38 32.66
C PRO L 249 17.57 39.94 32.13
N ILE L 250 17.05 39.78 30.92
CA ILE L 250 16.95 38.48 30.27
C ILE L 250 18.31 37.86 30.01
N VAL L 251 18.43 36.56 30.26
CA VAL L 251 19.69 35.86 30.14
C VAL L 251 19.82 35.09 28.83
N ALA L 252 21.00 35.14 28.22
CA ALA L 252 21.23 34.37 27.00
C ALA L 252 22.18 33.22 27.26
N THR L 253 21.93 32.07 26.64
CA THR L 253 22.87 30.95 26.73
C THR L 253 22.87 30.21 25.40
N LYS L 254 23.29 28.96 25.33
CA LYS L 254 23.25 28.20 24.08
C LYS L 254 23.07 26.71 24.30
N HIS L 255 22.40 26.06 23.36
CA HIS L 255 22.25 24.61 23.35
C HIS L 255 22.48 24.10 21.92
N ALA L 256 23.44 23.22 21.73
CA ALA L 256 23.76 22.76 20.37
C ALA L 256 24.12 23.95 19.49
N GLN L 257 24.69 24.96 20.12
CA GLN L 257 25.16 26.19 19.51
C GLN L 257 24.03 27.02 18.91
N ARG L 258 22.80 26.76 19.36
CA ARG L 258 21.70 27.65 19.03
C ARG L 258 21.45 28.57 20.24
N ALA L 259 21.24 29.86 19.99
CA ALA L 259 20.96 30.78 21.09
C ALA L 259 19.69 30.42 21.82
N THR L 260 19.77 30.43 23.15
CA THR L 260 18.54 30.26 23.94
C THR L 260 18.44 31.41 24.95
N PHE L 261 17.21 31.84 25.18
CA PHE L 261 16.94 33.01 26.00
C PHE L 261 15.95 32.67 27.10
N TYR L 262 16.24 33.12 28.31
CA TYR L 262 15.35 32.88 29.42
C TYR L 262 15.51 33.91 30.53
N CYS L 263 14.53 33.84 31.42
CA CYS L 263 14.58 34.68 32.61
C CYS L 263 15.02 33.87 33.82
N ARG L 264 16.14 34.26 34.42
CA ARG L 264 16.66 33.48 35.55
C ARG L 264 15.78 33.61 36.79
N GLN L 265 14.83 34.54 36.82
CA GLN L 265 13.91 34.61 37.95
C GLN L 265 12.65 33.80 37.68
N CYS L 266 12.02 34.07 36.53
CA CYS L 266 10.75 33.40 36.26
C CYS L 266 10.91 31.94 35.89
N GLN L 267 12.08 31.50 35.47
CA GLN L 267 12.22 30.10 35.04
C GLN L 267 13.10 29.30 35.98
N LYS L 268 12.62 28.12 36.38
CA LYS L 268 13.31 27.29 37.36
C LYS L 268 13.26 25.81 37.04
#